data_9F3P
#
_entry.id   9F3P
#
_cell.length_a   1.00
_cell.length_b   1.00
_cell.length_c   1.00
_cell.angle_alpha   90.00
_cell.angle_beta   90.00
_cell.angle_gamma   90.00
#
_symmetry.space_group_name_H-M   'P 1'
#
loop_
_entity.id
_entity.type
_entity.pdbx_description
1 polymer 'Interferon-induced helicase C domain-containing protein 1'
2 polymer "RNA (5'-R(P*GP*UP*CP*AP*AP*GP*CP*CP*GP*AP*GP*GP*AP*GP*A)-3')"
3 polymer "RNA (5'-R(P*UP*CP*UP*CP*CP*UP*CP*GP*GP*CP*UP*UP*GP*AP*C)-3')"
4 non-polymer 'ZINC ION'
#
loop_
_entity_poly.entity_id
_entity_poly.type
_entity_poly.pdbx_seq_one_letter_code
_entity_poly.pdbx_strand_id
1 'polypeptide(L)'
;MGSSHHHHHHSSGRENLYFQGHMIVCSAEDSFRNLILFFRPRLKMYIQVEPVLDHLIFLSAETKEQILKKINTCGNTSAA
ELLLSTLEQGQWPLGWTQMFVEALEHSGNPLAARYVKPTLTDLPSPSSETAHDECLHLLTLLQPTLVDKLLINDVLDTCF
EKGLLTVEDRNRISAAGNSGNESGVRELLRRIVQKENWFSTFLDVLRQTGNDALFQELTGGGCPEDNTDLANSSHRDGPA
ANECLLPAVDESSLETEAWNVDDILPEASCTDSSVTTESDTSLAEGSVSCFDESLGHNSNMGRDSGTMGSDSDESVIQTK
RVSPEPELQLRPYQMEVAQPALDGKNIIICLPTGSGKTRVAVYITKDHLDKKKQASESGKVIVLVNKVMLAEQLFRKEFN
PYLKKWYRIIGLSGDTQLKISFPEVVKSYDVIISTAQILENSLLNLESGDDDGVQLSDFSLIIIDECHHTNKEAVYNNIM
RRYLKQKLRNNDLKKQNKPAIPLPQILGLTASPGVGAAKKQSEAEKHILNICANLDAFTIKTVKENLGQLKHQIKEPCKK
FVIADDTRENPFKEKLLEIMASIQTYCQKSPMSDFGTQHYEQWAIQMEKKAAKDGNRKDRVCAEHLRKYNEALQINDTIR
MIDAYSHLETFYTDEKEKKFAVLNDSKKSLKLDETDEFLMNLFFDNKKMLKKLAENPKYENEKLIKLRNTILEQFTRSEE
SSRGIIFTKTRQSTYALSQWIMENAKFAEVGVKAHHLIGAGHSSEVKPMTQTEQKEVISKFRTGEINLLIATTVAEEGLD
IKECNIVIRYGLVTNEIAMVQARGRARADESTYVLVTSSGSGVTEREIVNDFREKMMYKAINRVQNMKPEEYAHKILELQ
VQSILEKKMKVKRSIAKQYNDNPSLITLLCKNCSMLVCSGENIHVIEKMHHVNMTPEFKGLYIVRENKTLQKKFADYQTN
GEIICKCGQAWGTMMVHKGLDLPCLKIRNFVVNFKNNSPKKQYKKWVELPIRFPDLDYSEYCLYSDED
;
A
2 'polyribonucleotide' GUCAAGCCGAGGAGA X
3 'polyribonucleotide' UCUCCUCGGCUUGAC Y
#
loop_
_chem_comp.id
_chem_comp.type
_chem_comp.name
_chem_comp.formula
A RNA linking ADENOSINE-5'-MONOPHOSPHATE 'C10 H14 N5 O7 P'
C RNA linking CYTIDINE-5'-MONOPHOSPHATE 'C9 H14 N3 O8 P'
G RNA linking GUANOSINE-5'-MONOPHOSPHATE 'C10 H14 N5 O8 P'
U RNA linking URIDINE-5'-MONOPHOSPHATE 'C9 H13 N2 O9 P'
ZN non-polymer 'ZINC ION' 'Zn 2'
#
# COMPACT_ATOMS: atom_id res chain seq x y z
N LEU A 328 -4.93 -0.20 37.76
CA LEU A 328 -4.90 -1.11 36.63
C LEU A 328 -6.03 -2.13 36.73
N GLN A 329 -6.65 -2.46 35.60
CA GLN A 329 -7.78 -3.37 35.54
C GLN A 329 -7.47 -4.50 34.57
N LEU A 330 -7.80 -5.73 34.96
CA LEU A 330 -7.59 -6.91 34.14
C LEU A 330 -8.78 -7.83 34.27
N ARG A 331 -9.00 -8.67 33.25
CA ARG A 331 -10.12 -9.59 33.24
C ARG A 331 -9.66 -11.05 33.21
N PRO A 332 -10.50 -11.97 33.65
CA PRO A 332 -10.03 -13.36 33.82
C PRO A 332 -9.42 -13.96 32.56
N TYR A 333 -10.07 -13.81 31.41
CA TYR A 333 -9.52 -14.37 30.18
C TYR A 333 -8.22 -13.69 29.80
N GLN A 334 -8.08 -12.39 30.11
CA GLN A 334 -6.82 -11.71 29.86
C GLN A 334 -5.69 -12.29 30.70
N MET A 335 -5.96 -12.60 31.96
CA MET A 335 -4.96 -13.29 32.76
C MET A 335 -4.64 -14.66 32.17
N GLU A 336 -5.67 -15.40 31.76
CA GLU A 336 -5.45 -16.74 31.25
C GLU A 336 -4.53 -16.72 30.03
N VAL A 337 -4.80 -15.81 29.10
CA VAL A 337 -3.97 -15.73 27.89
C VAL A 337 -2.58 -15.19 28.22
N ALA A 338 -2.50 -14.19 29.09
CA ALA A 338 -1.24 -13.52 29.37
C ALA A 338 -0.44 -14.17 30.49
N GLN A 339 -0.98 -15.21 31.14
CA GLN A 339 -0.25 -15.80 32.26
C GLN A 339 1.11 -16.34 31.85
N PRO A 340 1.24 -17.11 30.76
CA PRO A 340 2.58 -17.61 30.41
C PRO A 340 3.60 -16.51 30.17
N ALA A 341 3.19 -15.40 29.55
CA ALA A 341 4.12 -14.33 29.25
C ALA A 341 4.68 -13.68 30.51
N LEU A 342 3.98 -13.79 31.64
CA LEU A 342 4.45 -13.15 32.86
C LEU A 342 5.78 -13.72 33.33
N ASP A 343 6.14 -14.92 32.88
CA ASP A 343 7.40 -15.57 33.24
C ASP A 343 8.03 -16.09 31.94
N GLY A 344 8.83 -15.26 31.29
CA GLY A 344 9.41 -15.64 30.01
C GLY A 344 8.31 -15.96 29.01
N LYS A 345 8.46 -17.07 28.30
CA LYS A 345 7.46 -17.56 27.36
C LYS A 345 7.16 -16.51 26.29
N ASN A 346 8.17 -16.25 25.47
CA ASN A 346 7.99 -15.38 24.32
C ASN A 346 6.94 -15.99 23.40
N ILE A 347 5.78 -15.35 23.29
CA ILE A 347 4.60 -15.97 22.70
C ILE A 347 3.84 -14.96 21.84
N ILE A 348 2.74 -15.43 21.28
CA ILE A 348 1.82 -14.62 20.48
C ILE A 348 0.47 -14.60 21.18
N ILE A 349 -0.33 -13.60 20.85
CA ILE A 349 -1.68 -13.45 21.40
C ILE A 349 -2.61 -13.09 20.27
N CYS A 350 -3.79 -13.72 20.24
CA CYS A 350 -4.80 -13.48 19.21
C CYS A 350 -6.15 -13.30 19.91
N LEU A 351 -6.69 -12.09 19.83
CA LEU A 351 -7.98 -11.78 20.43
C LEU A 351 -8.79 -10.94 19.45
N PRO A 352 -10.12 -11.03 19.51
CA PRO A 352 -10.94 -10.25 18.59
C PRO A 352 -10.84 -8.76 18.87
N THR A 353 -11.22 -7.97 17.86
CA THR A 353 -11.13 -6.52 17.97
C THR A 353 -11.94 -6.02 19.16
N GLY A 354 -11.42 -4.99 19.82
CA GLY A 354 -12.08 -4.46 21.00
C GLY A 354 -11.89 -5.29 22.25
N SER A 355 -10.89 -6.16 22.27
CA SER A 355 -10.64 -7.04 23.41
C SER A 355 -9.65 -6.45 24.40
N GLY A 356 -9.20 -5.22 24.19
CA GLY A 356 -8.22 -4.62 25.08
C GLY A 356 -6.86 -5.29 25.03
N LYS A 357 -6.38 -5.61 23.83
CA LYS A 357 -5.04 -6.19 23.71
C LYS A 357 -3.98 -5.21 24.21
N THR A 358 -4.16 -3.93 23.92
CA THR A 358 -3.22 -2.92 24.41
C THR A 358 -3.17 -2.92 25.93
N ARG A 359 -4.31 -3.12 26.58
CA ARG A 359 -4.34 -3.19 28.04
C ARG A 359 -3.50 -4.36 28.53
N VAL A 360 -3.63 -5.51 27.89
CA VAL A 360 -2.82 -6.67 28.26
C VAL A 360 -1.34 -6.37 28.06
N ALA A 361 -1.00 -5.73 26.95
CA ALA A 361 0.40 -5.41 26.69
C ALA A 361 0.97 -4.47 27.75
N VAL A 362 0.21 -3.44 28.12
CA VAL A 362 0.72 -2.50 29.12
C VAL A 362 0.84 -3.18 30.47
N TYR A 363 -0.12 -4.04 30.82
CA TYR A 363 -0.02 -4.77 32.07
C TYR A 363 1.22 -5.66 32.10
N ILE A 364 1.48 -6.35 30.99
CA ILE A 364 2.65 -7.22 30.93
C ILE A 364 3.93 -6.40 31.03
N THR A 365 3.96 -5.24 30.38
CA THR A 365 5.14 -4.39 30.47
C THR A 365 5.37 -3.91 31.89
N LYS A 366 4.30 -3.51 32.58
CA LYS A 366 4.45 -3.07 33.96
C LYS A 366 4.95 -4.21 34.83
N ASP A 367 4.41 -5.41 34.64
CA ASP A 367 4.88 -6.56 35.42
C ASP A 367 6.35 -6.84 35.15
N HIS A 368 6.75 -6.78 33.88
CA HIS A 368 8.15 -7.05 33.53
C HIS A 368 9.06 -6.00 34.16
N LEU A 369 8.69 -4.73 34.08
CA LEU A 369 9.51 -3.68 34.68
C LEU A 369 9.60 -3.83 36.19
N ASP A 370 8.48 -4.17 36.85
CA ASP A 370 8.52 -4.39 38.29
C ASP A 370 9.45 -5.55 38.63
N LYS A 371 9.37 -6.63 37.86
CA LYS A 371 10.26 -7.76 38.12
C LYS A 371 11.72 -7.37 37.92
N LYS A 372 12.02 -6.60 36.88
CA LYS A 372 13.39 -6.17 36.66
C LYS A 372 13.89 -5.28 37.79
N LYS A 373 13.07 -4.32 38.22
CA LYS A 373 13.49 -3.43 39.30
C LYS A 373 13.72 -4.21 40.58
N GLN A 374 12.84 -5.16 40.88
CA GLN A 374 13.07 -6.03 42.04
C GLN A 374 14.36 -6.83 41.87
N ALA A 375 14.60 -7.34 40.66
CA ALA A 375 15.82 -8.09 40.38
C ALA A 375 17.03 -7.20 40.17
N SER A 376 16.83 -5.89 39.99
CA SER A 376 17.94 -4.95 39.85
C SER A 376 18.74 -5.21 38.57
N GLU A 377 18.02 -5.31 37.46
CA GLU A 377 18.61 -5.48 36.14
C GLU A 377 17.95 -4.50 35.18
N SER A 378 18.69 -4.12 34.14
CA SER A 378 18.18 -3.13 33.19
C SER A 378 16.91 -3.65 32.53
N GLY A 379 15.88 -2.81 32.50
CA GLY A 379 14.64 -3.16 31.85
C GLY A 379 14.37 -2.28 30.66
N LYS A 380 14.47 -2.83 29.45
CA LYS A 380 14.22 -2.11 28.22
C LYS A 380 13.06 -2.76 27.49
N VAL A 381 12.08 -1.94 27.10
CA VAL A 381 10.88 -2.42 26.41
C VAL A 381 10.68 -1.57 25.17
N ILE A 382 10.42 -2.23 24.05
CA ILE A 382 10.11 -1.54 22.80
C ILE A 382 8.78 -2.08 22.27
N VAL A 383 8.02 -1.19 21.66
CA VAL A 383 6.75 -1.53 21.00
C VAL A 383 6.88 -1.12 19.55
N LEU A 384 6.53 -2.04 18.65
CA LEU A 384 6.69 -1.84 17.22
C LEU A 384 5.32 -1.82 16.56
N VAL A 385 5.07 -0.83 15.70
CA VAL A 385 3.84 -0.77 14.94
C VAL A 385 4.16 -0.34 13.50
N ASN A 386 3.35 -0.81 12.57
CA ASN A 386 3.54 -0.52 11.16
C ASN A 386 2.83 0.74 10.70
N LYS A 387 2.17 1.46 11.59
CA LYS A 387 1.46 2.68 11.22
C LYS A 387 1.77 3.76 12.23
N VAL A 388 2.14 4.95 11.75
CA VAL A 388 2.47 6.06 12.65
C VAL A 388 1.24 6.45 13.46
N MET A 389 0.07 6.47 12.81
CA MET A 389 -1.15 6.81 13.53
C MET A 389 -1.39 5.84 14.68
N LEU A 390 -1.08 4.57 14.47
CA LEU A 390 -1.19 3.60 15.56
C LEU A 390 -0.28 3.96 16.71
N ALA A 391 0.97 4.37 16.41
CA ALA A 391 1.89 4.73 17.47
C ALA A 391 1.38 5.95 18.23
N GLU A 392 0.89 6.97 17.52
CA GLU A 392 0.37 8.15 18.19
C GLU A 392 -0.82 7.80 19.07
N GLN A 393 -1.75 7.00 18.54
CA GLN A 393 -2.93 6.62 19.31
C GLN A 393 -2.54 5.82 20.55
N LEU A 394 -1.60 4.89 20.41
CA LEU A 394 -1.17 4.09 21.54
C LEU A 394 -0.49 4.96 22.60
N PHE A 395 0.35 5.88 22.17
CA PHE A 395 1.06 6.74 23.12
C PHE A 395 0.12 7.73 23.80
N ARG A 396 -0.98 8.11 23.13
CA ARG A 396 -1.87 9.13 23.65
C ARG A 396 -2.96 8.55 24.55
N LYS A 397 -3.65 7.50 24.07
CA LYS A 397 -4.90 7.07 24.70
C LYS A 397 -4.67 6.06 25.81
N GLU A 398 -3.95 4.98 25.54
CA GLU A 398 -3.90 3.84 26.44
C GLU A 398 -2.55 3.61 27.08
N PHE A 399 -1.45 3.68 26.31
CA PHE A 399 -0.16 3.25 26.83
C PHE A 399 0.36 4.24 27.87
N ASN A 400 0.51 5.51 27.48
CA ASN A 400 1.14 6.48 28.36
C ASN A 400 0.37 6.71 29.66
N PRO A 401 -0.94 6.96 29.63
CA PRO A 401 -1.61 7.38 30.88
C PRO A 401 -1.44 6.39 32.03
N TYR A 402 -1.45 5.09 31.73
CA TYR A 402 -1.41 4.09 32.80
C TYR A 402 -0.05 4.04 33.47
N LEU A 403 1.03 4.22 32.71
CA LEU A 403 2.39 4.02 33.20
C LEU A 403 3.20 5.31 33.22
N LYS A 404 2.58 6.46 32.92
CA LYS A 404 3.34 7.70 32.82
C LYS A 404 4.12 7.98 34.10
N LYS A 405 3.57 7.63 35.26
CA LYS A 405 4.17 8.03 36.53
C LYS A 405 5.39 7.19 36.88
N TRP A 406 5.30 5.86 36.70
CA TRP A 406 6.35 4.99 37.19
C TRP A 406 7.64 5.12 36.39
N TYR A 407 7.53 5.18 35.06
CA TYR A 407 8.70 5.18 34.19
C TYR A 407 8.55 6.26 33.12
N ARG A 408 9.52 6.29 32.21
CA ARG A 408 9.53 7.26 31.12
C ARG A 408 8.92 6.63 29.87
N ILE A 409 8.16 7.43 29.13
CA ILE A 409 7.42 6.96 27.97
C ILE A 409 7.62 7.95 26.83
N ILE A 410 7.61 7.44 25.61
CA ILE A 410 7.75 8.28 24.42
C ILE A 410 7.35 7.49 23.19
N GLY A 411 6.86 8.20 22.16
CA GLY A 411 6.49 7.57 20.91
C GLY A 411 7.15 8.23 19.73
N LEU A 412 7.87 7.45 18.92
CA LEU A 412 8.64 7.95 17.79
C LEU A 412 7.93 7.62 16.49
N SER A 413 8.38 8.28 15.42
CA SER A 413 7.87 8.06 14.08
C SER A 413 8.64 8.98 13.14
N GLY A 414 8.54 8.68 11.84
CA GLY A 414 9.18 9.55 10.85
C GLY A 414 8.61 10.95 10.89
N ASP A 415 7.30 11.08 11.05
CA ASP A 415 6.70 12.41 11.15
C ASP A 415 7.23 13.16 12.36
N THR A 416 7.34 12.47 13.49
CA THR A 416 7.90 13.09 14.69
C THR A 416 9.34 13.50 14.42
N GLN A 417 9.73 14.66 14.96
CA GLN A 417 11.07 15.17 14.76
C GLN A 417 12.00 14.49 15.77
N LEU A 418 12.68 13.44 15.31
CA LEU A 418 13.60 12.70 16.18
C LEU A 418 14.86 13.51 16.41
N LYS A 419 14.72 14.65 17.09
CA LYS A 419 15.86 15.52 17.32
C LYS A 419 16.80 15.01 18.39
N ILE A 420 16.33 14.14 19.29
CA ILE A 420 17.19 13.71 20.38
C ILE A 420 18.20 12.71 19.84
N SER A 421 17.73 11.50 19.51
CA SER A 421 18.42 10.52 18.69
C SER A 421 17.59 9.24 18.74
N PHE A 422 17.97 8.20 18.01
CA PHE A 422 17.38 6.91 18.34
C PHE A 422 18.14 6.26 19.50
N PRO A 423 19.47 6.19 19.47
CA PRO A 423 20.17 5.45 20.54
C PRO A 423 19.93 6.01 21.93
N GLU A 424 19.89 7.33 22.10
CA GLU A 424 19.74 7.89 23.44
C GLU A 424 18.35 7.58 24.00
N VAL A 425 17.31 7.73 23.20
CA VAL A 425 15.97 7.41 23.69
C VAL A 425 15.91 5.94 24.09
N VAL A 426 16.73 5.09 23.45
CA VAL A 426 16.81 3.70 23.88
C VAL A 426 17.42 3.60 25.27
N LYS A 427 18.49 4.34 25.52
CA LYS A 427 19.15 4.33 26.83
C LYS A 427 18.72 5.50 27.71
N SER A 428 17.56 6.08 27.45
CA SER A 428 17.02 7.16 28.28
C SER A 428 15.69 6.81 28.91
N TYR A 429 14.71 6.35 28.13
CA TYR A 429 13.35 6.21 28.62
C TYR A 429 13.02 4.83 29.18
N ASP A 430 13.75 3.79 28.77
CA ASP A 430 13.50 2.43 29.24
C ASP A 430 12.18 1.89 28.70
N VAL A 431 11.44 2.70 27.94
CA VAL A 431 10.21 2.28 27.28
C VAL A 431 10.07 3.08 25.99
N ILE A 432 9.84 2.40 24.87
CA ILE A 432 9.84 3.03 23.56
C ILE A 432 8.63 2.56 22.78
N ILE A 433 8.04 3.45 21.99
CA ILE A 433 7.02 3.11 21.00
C ILE A 433 7.48 3.68 19.66
N SER A 434 7.45 2.86 18.61
CA SER A 434 7.99 3.30 17.34
C SER A 434 7.50 2.42 16.21
N THR A 435 7.78 2.86 14.99
CA THR A 435 7.68 2.01 13.82
C THR A 435 8.91 1.13 13.71
N ALA A 436 8.74 -0.07 13.14
CA ALA A 436 9.84 -1.01 13.07
C ALA A 436 10.99 -0.46 12.23
N GLN A 437 10.67 0.25 11.14
CA GLN A 437 11.72 0.64 10.21
C GLN A 437 12.74 1.55 10.86
N ILE A 438 12.36 2.29 11.90
CA ILE A 438 13.34 3.11 12.61
C ILE A 438 14.38 2.22 13.26
N LEU A 439 13.94 1.19 13.97
CA LEU A 439 14.87 0.26 14.59
C LEU A 439 15.71 -0.46 13.55
N GLU A 440 15.09 -0.84 12.43
CA GLU A 440 15.84 -1.50 11.37
C GLU A 440 16.94 -0.59 10.83
N ASN A 441 16.62 0.69 10.63
CA ASN A 441 17.63 1.63 10.13
C ASN A 441 18.75 1.79 11.15
N SER A 442 18.41 1.84 12.44
CA SER A 442 19.46 1.93 13.45
C SER A 442 20.36 0.71 13.40
N LEU A 443 19.78 -0.48 13.27
CA LEU A 443 20.59 -1.69 13.19
C LEU A 443 21.49 -1.68 11.96
N LEU A 444 20.96 -1.25 10.81
CA LEU A 444 21.78 -1.21 9.60
C LEU A 444 22.91 -0.20 9.75
N ASN A 445 22.64 0.95 10.35
CA ASN A 445 23.70 1.91 10.61
C ASN A 445 24.76 1.31 11.53
N LEU A 446 24.35 0.54 12.53
CA LEU A 446 25.32 -0.08 13.43
C LEU A 446 26.20 -1.07 12.67
N GLU A 447 25.59 -1.95 11.87
CA GLU A 447 26.40 -2.94 11.17
C GLU A 447 27.33 -2.28 10.14
N SER A 448 26.85 -1.25 9.44
CA SER A 448 27.71 -0.57 8.47
C SER A 448 28.79 0.27 9.14
N GLY A 449 28.63 0.60 10.42
CA GLY A 449 29.59 1.41 11.14
C GLY A 449 29.42 2.91 10.97
N ASP A 450 28.48 3.35 10.14
CA ASP A 450 28.27 4.79 9.96
C ASP A 450 27.83 5.45 11.25
N ASP A 451 26.94 4.79 12.00
CA ASP A 451 26.47 5.28 13.28
C ASP A 451 26.53 4.15 14.30
N ASP A 452 26.58 4.54 15.58
CA ASP A 452 26.66 3.55 16.65
C ASP A 452 25.43 2.64 16.64
N GLY A 453 24.24 3.22 16.46
CA GLY A 453 23.05 2.42 16.40
C GLY A 453 22.80 1.68 17.70
N VAL A 454 22.21 0.49 17.59
CA VAL A 454 21.87 -0.32 18.76
C VAL A 454 21.75 -1.76 18.31
N GLN A 455 21.87 -2.68 19.27
CA GLN A 455 21.71 -4.10 19.03
C GLN A 455 20.53 -4.63 19.85
N LEU A 456 19.96 -5.74 19.39
CA LEU A 456 18.87 -6.35 20.13
C LEU A 456 19.29 -6.75 21.53
N SER A 457 20.57 -7.08 21.72
CA SER A 457 21.06 -7.43 23.05
C SER A 457 20.85 -6.28 24.03
N ASP A 458 20.86 -5.05 23.54
CA ASP A 458 20.63 -3.90 24.40
C ASP A 458 19.21 -3.83 24.93
N PHE A 459 18.31 -4.65 24.41
CA PHE A 459 16.91 -4.64 24.83
C PHE A 459 16.62 -5.79 25.77
N SER A 460 15.45 -5.73 26.40
CA SER A 460 14.98 -6.79 27.29
C SER A 460 13.57 -7.28 26.98
N LEU A 461 12.83 -6.59 26.11
CA LEU A 461 11.47 -6.99 25.78
C LEU A 461 11.03 -6.30 24.51
N ILE A 462 10.59 -7.07 23.52
CA ILE A 462 10.03 -6.55 22.28
C ILE A 462 8.57 -6.95 22.22
N ILE A 463 7.72 -5.99 21.88
CA ILE A 463 6.30 -6.22 21.69
C ILE A 463 5.96 -5.78 20.27
N ILE A 464 5.26 -6.65 19.54
CA ILE A 464 4.93 -6.40 18.15
C ILE A 464 3.42 -6.39 18.01
N ASP A 465 2.91 -5.45 17.22
CA ASP A 465 1.49 -5.31 16.96
C ASP A 465 1.20 -5.69 15.52
N GLU A 466 0.05 -6.34 15.31
CA GLU A 466 -0.32 -6.85 13.99
C GLU A 466 0.72 -7.84 13.48
N CYS A 467 0.84 -8.96 14.20
CA CYS A 467 1.86 -9.95 13.88
C CYS A 467 1.66 -10.53 12.49
N HIS A 468 0.42 -10.57 12.00
CA HIS A 468 0.16 -11.21 10.72
C HIS A 468 1.00 -10.58 9.61
N HIS A 469 1.39 -9.32 9.77
CA HIS A 469 2.27 -8.70 8.79
C HIS A 469 3.68 -9.26 8.83
N THR A 470 4.04 -9.98 9.89
CA THR A 470 5.34 -10.65 9.95
C THR A 470 5.30 -11.82 8.98
N ASN A 471 5.96 -11.66 7.83
CA ASN A 471 5.82 -12.61 6.74
C ASN A 471 7.16 -12.68 6.01
N LYS A 472 7.14 -13.08 4.75
CA LYS A 472 8.35 -13.49 4.03
C LYS A 472 9.54 -12.58 4.31
N GLU A 473 9.44 -11.29 3.97
CA GLU A 473 10.54 -10.38 4.22
C GLU A 473 10.06 -8.98 4.60
N ALA A 474 8.97 -8.89 5.36
CA ALA A 474 8.53 -7.61 5.89
C ALA A 474 9.50 -7.13 6.99
N VAL A 475 9.24 -5.93 7.51
CA VAL A 475 10.17 -5.32 8.46
C VAL A 475 10.25 -6.15 9.73
N TYR A 476 9.10 -6.48 10.31
CA TYR A 476 9.10 -7.34 11.49
C TYR A 476 9.88 -8.62 11.21
N ASN A 477 9.74 -9.16 10.00
CA ASN A 477 10.44 -10.40 9.69
C ASN A 477 11.94 -10.17 9.64
N ASN A 478 12.38 -9.00 9.16
CA ASN A 478 13.81 -8.70 9.19
C ASN A 478 14.32 -8.64 10.62
N ILE A 479 13.59 -7.94 11.50
CA ILE A 479 14.02 -7.82 12.89
C ILE A 479 14.11 -9.21 13.53
N MET A 480 13.08 -10.03 13.31
CA MET A 480 13.07 -11.33 13.94
C MET A 480 14.06 -12.28 13.28
N ARG A 481 14.43 -12.05 12.02
CA ARG A 481 15.50 -12.83 11.42
C ARG A 481 16.83 -12.50 12.06
N ARG A 482 17.07 -11.22 12.35
CA ARG A 482 18.24 -10.86 13.13
C ARG A 482 18.23 -11.57 14.47
N TYR A 483 17.09 -11.55 15.15
CA TYR A 483 16.98 -12.20 16.45
C TYR A 483 17.23 -13.70 16.33
N LEU A 484 16.73 -14.32 15.26
CA LEU A 484 16.87 -15.76 15.09
C LEU A 484 18.31 -16.14 14.78
N LYS A 485 19.00 -15.31 14.00
CA LYS A 485 20.43 -15.55 13.80
C LYS A 485 21.18 -15.48 15.11
N GLN A 486 20.84 -14.49 15.95
CA GLN A 486 21.47 -14.41 17.27
C GLN A 486 21.16 -15.66 18.09
N LYS A 487 19.91 -16.14 18.03
CA LYS A 487 19.53 -17.31 18.80
C LYS A 487 20.27 -18.56 18.31
N LEU A 488 20.45 -18.71 17.01
CA LEU A 488 21.21 -19.84 16.49
C LEU A 488 22.68 -19.75 16.91
N ARG A 489 23.24 -18.54 16.92
CA ARG A 489 24.59 -18.38 17.46
C ARG A 489 24.64 -18.83 18.91
N ASN A 490 23.65 -18.44 19.70
CA ASN A 490 23.61 -18.86 21.11
C ASN A 490 23.50 -20.37 21.23
N ASN A 491 22.69 -20.99 20.38
CA ASN A 491 22.59 -22.44 20.37
C ASN A 491 23.93 -23.08 20.07
N ASP A 492 24.67 -22.51 19.11
CA ASP A 492 26.00 -23.03 18.81
C ASP A 492 26.93 -22.90 20.02
N LEU A 493 26.89 -21.75 20.69
CA LEU A 493 27.81 -21.53 21.80
C LEU A 493 27.50 -22.43 23.00
N LYS A 494 26.22 -22.61 23.32
CA LYS A 494 25.86 -23.30 24.56
C LYS A 494 26.57 -24.64 24.67
N LYS A 495 26.59 -25.42 23.59
CA LYS A 495 27.29 -26.70 23.59
C LYS A 495 28.78 -26.55 23.35
N GLN A 496 29.26 -25.35 23.03
CA GLN A 496 30.68 -25.10 22.82
C GLN A 496 31.27 -24.16 23.85
N ASN A 497 30.70 -22.96 24.00
CA ASN A 497 31.18 -21.97 24.96
C ASN A 497 30.04 -21.60 25.90
N LYS A 498 30.31 -21.65 27.20
CA LYS A 498 29.29 -21.33 28.18
C LYS A 498 28.74 -19.91 28.00
N PRO A 499 29.55 -18.86 27.90
CA PRO A 499 28.99 -17.52 27.75
C PRO A 499 28.21 -17.38 26.45
N ALA A 500 27.11 -16.62 26.53
CA ALA A 500 26.25 -16.40 25.37
C ALA A 500 25.57 -15.06 25.53
N ILE A 501 25.11 -14.50 24.41
CA ILE A 501 24.44 -13.22 24.40
C ILE A 501 23.00 -13.41 24.87
N PRO A 502 22.55 -12.74 25.93
CA PRO A 502 21.14 -12.88 26.34
C PRO A 502 20.22 -12.31 25.27
N LEU A 503 19.04 -12.91 25.17
CA LEU A 503 18.05 -12.52 24.18
C LEU A 503 16.79 -12.03 24.88
N PRO A 504 16.19 -10.93 24.43
CA PRO A 504 15.02 -10.39 25.11
C PRO A 504 13.78 -11.24 24.88
N GLN A 505 12.83 -11.09 25.79
CA GLN A 505 11.53 -11.70 25.61
C GLN A 505 10.80 -11.07 24.43
N ILE A 506 9.95 -11.86 23.78
CA ILE A 506 9.24 -11.45 22.58
C ILE A 506 7.76 -11.74 22.77
N LEU A 507 6.94 -10.71 22.62
CA LEU A 507 5.49 -10.84 22.70
C LEU A 507 4.90 -10.28 21.42
N GLY A 508 4.00 -11.04 20.82
CA GLY A 508 3.32 -10.62 19.61
C GLY A 508 1.82 -10.51 19.87
N LEU A 509 1.18 -9.58 19.15
CA LEU A 509 -0.25 -9.36 19.29
C LEU A 509 -0.89 -9.30 17.92
N THR A 510 -2.12 -9.80 17.84
CA THR A 510 -2.92 -9.72 16.62
C THR A 510 -4.34 -10.14 16.98
N ALA A 511 -5.19 -10.16 15.96
CA ALA A 511 -6.54 -10.68 16.10
C ALA A 511 -6.76 -11.92 15.26
N SER A 512 -6.34 -11.89 13.99
CA SER A 512 -6.41 -13.05 13.11
C SER A 512 -5.03 -13.29 12.51
N PRO A 513 -4.30 -14.32 12.95
CA PRO A 513 -2.97 -14.55 12.36
C PRO A 513 -3.02 -14.74 10.86
N GLY A 514 -4.16 -15.18 10.33
CA GLY A 514 -4.35 -15.22 8.89
C GLY A 514 -3.83 -16.50 8.27
N VAL A 515 -4.08 -16.61 6.96
CA VAL A 515 -3.68 -17.76 6.17
C VAL A 515 -2.99 -17.24 4.92
N GLY A 516 -1.74 -17.66 4.71
CA GLY A 516 -0.98 -17.21 3.56
C GLY A 516 -1.39 -17.91 2.28
N ALA A 517 -2.67 -17.79 1.92
CA ALA A 517 -3.29 -18.42 0.76
C ALA A 517 -3.35 -19.94 0.90
N ALA A 518 -2.87 -20.51 2.00
CA ALA A 518 -2.94 -21.95 2.19
C ALA A 518 -4.39 -22.41 2.24
N LYS A 519 -4.75 -23.34 1.36
CA LYS A 519 -6.10 -23.87 1.33
C LYS A 519 -6.24 -25.11 2.22
N LYS A 520 -5.45 -26.14 1.93
CA LYS A 520 -5.52 -27.36 2.72
C LYS A 520 -5.22 -27.05 4.18
N GLN A 521 -6.01 -27.63 5.08
CA GLN A 521 -5.82 -27.36 6.50
C GLN A 521 -4.39 -27.67 6.94
N SER A 522 -3.77 -28.67 6.32
CA SER A 522 -2.36 -28.93 6.60
C SER A 522 -1.50 -27.73 6.20
N GLU A 523 -1.79 -27.13 5.05
CA GLU A 523 -1.03 -25.96 4.62
C GLU A 523 -1.29 -24.78 5.54
N ALA A 524 -2.52 -24.63 6.03
CA ALA A 524 -2.80 -23.58 7.01
C ALA A 524 -2.00 -23.81 8.29
N GLU A 525 -1.92 -25.06 8.74
CA GLU A 525 -1.09 -25.37 9.90
C GLU A 525 0.37 -25.02 9.64
N LYS A 526 0.87 -25.32 8.45
CA LYS A 526 2.25 -24.97 8.12
C LYS A 526 2.43 -23.45 8.14
N HIS A 527 1.46 -22.70 7.63
CA HIS A 527 1.56 -21.25 7.65
C HIS A 527 1.58 -20.72 9.08
N ILE A 528 0.73 -21.25 9.94
CA ILE A 528 0.71 -20.79 11.33
C ILE A 528 2.02 -21.15 12.02
N LEU A 529 2.56 -22.34 11.75
CA LEU A 529 3.84 -22.70 12.33
C LEU A 529 4.94 -21.78 11.82
N ASN A 530 4.88 -21.38 10.55
CA ASN A 530 5.86 -20.44 10.03
C ASN A 530 5.74 -19.09 10.73
N ILE A 531 4.52 -18.64 10.98
CA ILE A 531 4.33 -17.39 11.71
C ILE A 531 4.93 -17.51 13.11
N CYS A 532 4.67 -18.61 13.79
CA CYS A 532 5.22 -18.80 15.13
C CYS A 532 6.73 -18.83 15.10
N ALA A 533 7.33 -19.55 14.14
CA ALA A 533 8.77 -19.62 14.06
C ALA A 533 9.38 -18.25 13.79
N ASN A 534 8.74 -17.46 12.91
CA ASN A 534 9.26 -16.13 12.64
C ASN A 534 9.36 -15.29 13.91
N LEU A 535 8.45 -15.51 14.86
CA LEU A 535 8.48 -14.78 16.13
C LEU A 535 9.14 -15.58 17.24
N ASP A 536 9.64 -16.78 16.96
CA ASP A 536 10.16 -17.67 17.99
C ASP A 536 9.11 -17.94 19.06
N ALA A 537 7.84 -17.87 18.67
CA ALA A 537 6.76 -18.00 19.63
C ALA A 537 6.71 -19.41 20.21
N PHE A 538 6.50 -19.49 21.52
CA PHE A 538 6.35 -20.78 22.17
C PHE A 538 4.96 -21.37 21.96
N THR A 539 3.96 -20.54 21.73
CA THR A 539 2.59 -21.01 21.51
C THR A 539 1.70 -19.83 21.17
N ILE A 540 0.62 -20.12 20.44
CA ILE A 540 -0.39 -19.09 20.17
C ILE A 540 -1.06 -18.65 21.47
N LYS A 541 -1.43 -19.60 22.31
CA LYS A 541 -2.02 -19.32 23.62
C LYS A 541 -3.29 -18.48 23.46
N THR A 542 -4.30 -19.08 22.84
CA THR A 542 -5.61 -18.45 22.70
C THR A 542 -6.51 -18.86 23.86
N VAL A 543 -7.50 -18.01 24.12
CA VAL A 543 -8.41 -18.25 25.24
C VAL A 543 -9.38 -19.37 24.90
N LYS A 544 -9.43 -20.38 25.76
CA LYS A 544 -10.36 -21.50 25.60
C LYS A 544 -11.30 -21.64 26.79
N GLU A 545 -10.77 -21.63 28.02
CA GLU A 545 -11.61 -21.86 29.19
C GLU A 545 -12.64 -20.76 29.35
N ASN A 546 -12.19 -19.50 29.43
CA ASN A 546 -13.08 -18.37 29.62
C ASN A 546 -13.66 -17.86 28.31
N LEU A 547 -13.42 -18.60 27.22
CA LEU A 547 -13.87 -18.12 25.91
C LEU A 547 -15.34 -17.77 25.94
N GLY A 548 -16.15 -18.57 26.63
CA GLY A 548 -17.58 -18.30 26.66
C GLY A 548 -17.88 -16.90 27.13
N GLN A 549 -17.29 -16.49 28.25
CA GLN A 549 -17.58 -15.15 28.74
C GLN A 549 -17.16 -14.12 27.70
N LEU A 550 -16.00 -14.32 27.07
CA LEU A 550 -15.57 -13.40 26.03
C LEU A 550 -16.61 -13.33 24.93
N LYS A 551 -17.10 -14.49 24.47
CA LYS A 551 -18.12 -14.50 23.43
C LYS A 551 -19.35 -13.74 23.90
N HIS A 552 -19.72 -13.89 25.17
CA HIS A 552 -20.88 -13.17 25.68
C HIS A 552 -20.66 -11.66 25.64
N GLN A 553 -19.42 -11.22 25.90
CA GLN A 553 -19.16 -9.79 25.98
C GLN A 553 -19.11 -9.14 24.61
N ILE A 554 -18.72 -9.89 23.58
CA ILE A 554 -18.61 -9.38 22.22
C ILE A 554 -19.89 -9.73 21.46
N LYS A 555 -20.24 -8.90 20.50
CA LYS A 555 -21.48 -9.03 19.73
C LYS A 555 -21.17 -9.19 18.25
N GLU A 556 -22.15 -9.71 17.52
CA GLU A 556 -22.01 -10.02 16.11
C GLU A 556 -22.96 -9.16 15.28
N PRO A 557 -22.47 -8.45 14.25
CA PRO A 557 -23.39 -7.65 13.42
C PRO A 557 -24.24 -8.49 12.48
N CYS A 558 -25.00 -7.82 11.62
CA CYS A 558 -25.89 -8.47 10.67
C CYS A 558 -25.38 -8.26 9.25
N LYS A 559 -25.54 -9.28 8.42
CA LYS A 559 -25.02 -9.28 7.05
C LYS A 559 -26.13 -8.98 6.05
N LYS A 560 -25.73 -8.73 4.81
CA LYS A 560 -26.69 -8.48 3.73
C LYS A 560 -25.98 -8.55 2.38
N PHE A 561 -26.54 -9.30 1.43
CA PHE A 561 -25.95 -9.48 0.11
C PHE A 561 -26.90 -8.91 -0.93
N VAL A 562 -26.36 -8.25 -1.95
CA VAL A 562 -27.16 -7.68 -3.03
C VAL A 562 -26.35 -7.78 -4.30
N ILE A 563 -26.96 -8.31 -5.35
CA ILE A 563 -26.27 -8.62 -6.60
C ILE A 563 -27.07 -8.03 -7.76
N ALA A 564 -26.36 -7.48 -8.75
CA ALA A 564 -26.98 -6.88 -9.91
C ALA A 564 -26.29 -7.38 -11.18
N ASP A 565 -27.02 -7.30 -12.30
CA ASP A 565 -26.54 -7.74 -13.60
C ASP A 565 -26.48 -6.56 -14.56
N ASP A 566 -25.54 -6.63 -15.50
CA ASP A 566 -25.27 -5.54 -16.42
C ASP A 566 -25.94 -5.82 -17.76
N THR A 567 -26.80 -4.89 -18.20
CA THR A 567 -27.42 -4.99 -19.51
C THR A 567 -27.47 -3.66 -20.26
N ARG A 568 -27.05 -2.57 -19.63
CA ARG A 568 -27.06 -1.25 -20.26
C ARG A 568 -25.72 -0.99 -20.93
N GLU A 569 -25.45 0.25 -21.31
CA GLU A 569 -24.19 0.75 -21.86
C GLU A 569 -24.06 0.48 -23.35
N ASN A 570 -25.08 -0.08 -24.00
CA ASN A 570 -24.91 -0.55 -25.37
C ASN A 570 -24.52 0.57 -26.33
N PRO A 571 -25.20 1.71 -26.39
CA PRO A 571 -24.86 2.71 -27.41
C PRO A 571 -23.43 3.23 -27.32
N PHE A 572 -23.11 3.81 -26.16
CA PHE A 572 -21.81 4.45 -25.97
C PHE A 572 -20.69 3.43 -26.03
N LYS A 573 -20.89 2.27 -25.40
CA LYS A 573 -19.87 1.23 -25.42
C LYS A 573 -19.64 0.72 -26.83
N GLU A 574 -20.72 0.54 -27.61
CA GLU A 574 -20.56 0.09 -28.98
C GLU A 574 -19.81 1.11 -29.81
N LYS A 575 -20.10 2.41 -29.60
CA LYS A 575 -19.36 3.43 -30.33
C LYS A 575 -17.88 3.40 -29.96
N LEU A 576 -17.58 3.25 -28.67
CA LEU A 576 -16.19 3.15 -28.25
C LEU A 576 -15.51 1.93 -28.85
N LEU A 577 -16.21 0.80 -28.92
CA LEU A 577 -15.63 -0.39 -29.53
C LEU A 577 -15.42 -0.21 -31.02
N GLU A 578 -16.30 0.55 -31.69
CA GLU A 578 -16.06 0.89 -33.09
C GLU A 578 -14.80 1.71 -33.23
N ILE A 579 -14.58 2.65 -32.32
CA ILE A 579 -13.34 3.42 -32.35
C ILE A 579 -12.15 2.50 -32.13
N MET A 580 -12.27 1.57 -31.19
CA MET A 580 -11.23 0.55 -30.97
C MET A 580 -10.92 -0.17 -32.27
N ALA A 581 -11.95 -0.64 -32.96
CA ALA A 581 -11.76 -1.42 -34.18
C ALA A 581 -11.10 -0.58 -35.26
N SER A 582 -11.50 0.68 -35.39
CA SER A 582 -10.87 1.55 -36.38
C SER A 582 -9.39 1.72 -36.07
N ILE A 583 -9.05 1.96 -34.80
CA ILE A 583 -7.64 2.14 -34.43
C ILE A 583 -6.86 0.85 -34.72
N GLN A 584 -7.44 -0.29 -34.36
CA GLN A 584 -6.75 -1.57 -34.60
C GLN A 584 -6.53 -1.81 -36.08
N THR A 585 -7.55 -1.54 -36.91
CA THR A 585 -7.38 -1.71 -38.34
C THR A 585 -6.32 -0.76 -38.88
N TYR A 586 -6.25 0.46 -38.34
CA TYR A 586 -5.15 1.35 -38.69
C TYR A 586 -3.82 0.72 -38.33
N CYS A 587 -3.73 0.09 -37.15
CA CYS A 587 -2.52 -0.61 -36.76
C CYS A 587 -2.47 -2.05 -37.28
N GLN A 588 -3.60 -2.58 -37.76
CA GLN A 588 -3.68 -3.95 -38.25
C GLN A 588 -3.17 -4.93 -37.19
N LYS A 589 -3.88 -4.95 -36.06
CA LYS A 589 -3.52 -5.77 -34.92
C LYS A 589 -4.73 -6.54 -34.42
N SER A 590 -4.48 -7.74 -33.90
CA SER A 590 -5.52 -8.61 -33.38
C SER A 590 -5.39 -8.72 -31.87
N PRO A 591 -6.24 -8.07 -31.09
CA PRO A 591 -6.12 -8.18 -29.63
C PRO A 591 -6.21 -9.60 -29.11
N MET A 592 -7.02 -10.45 -29.74
CA MET A 592 -7.18 -11.84 -29.34
C MET A 592 -7.78 -11.98 -27.94
N SER A 593 -8.45 -10.93 -27.46
CA SER A 593 -9.06 -10.97 -26.14
C SER A 593 -10.22 -9.99 -26.10
N ASP A 594 -11.15 -10.24 -25.18
CA ASP A 594 -12.29 -9.35 -25.02
C ASP A 594 -11.83 -7.96 -24.61
N PHE A 595 -12.40 -6.94 -25.25
CA PHE A 595 -12.02 -5.57 -24.95
C PHE A 595 -12.52 -5.18 -23.56
N GLY A 596 -11.71 -4.40 -22.86
CA GLY A 596 -12.04 -3.97 -21.52
C GLY A 596 -11.49 -4.82 -20.41
N THR A 597 -10.58 -5.75 -20.70
CA THR A 597 -9.96 -6.58 -19.70
C THR A 597 -8.50 -6.15 -19.48
N GLN A 598 -8.02 -6.34 -18.26
CA GLN A 598 -6.65 -5.96 -17.94
C GLN A 598 -5.64 -6.74 -18.77
N HIS A 599 -6.01 -7.89 -19.32
CA HIS A 599 -5.11 -8.61 -20.22
C HIS A 599 -4.87 -7.80 -21.48
N TYR A 600 -5.91 -7.11 -21.98
CA TYR A 600 -5.71 -6.22 -23.12
C TYR A 600 -4.75 -5.10 -22.77
N GLU A 601 -4.87 -4.55 -21.56
CA GLU A 601 -3.93 -3.53 -21.11
C GLU A 601 -2.51 -4.07 -21.07
N GLN A 602 -2.33 -5.29 -20.57
CA GLN A 602 -1.00 -5.89 -20.52
C GLN A 602 -0.44 -6.08 -21.93
N TRP A 603 -1.27 -6.55 -22.85
CA TRP A 603 -0.82 -6.71 -24.23
C TRP A 603 -0.42 -5.38 -24.84
N ALA A 604 -1.21 -4.33 -24.57
CA ALA A 604 -0.88 -3.01 -25.09
C ALA A 604 0.44 -2.51 -24.53
N ILE A 605 0.67 -2.73 -23.23
CA ILE A 605 1.93 -2.33 -22.63
C ILE A 605 3.09 -3.07 -23.28
N GLN A 606 2.94 -4.38 -23.48
CA GLN A 606 4.00 -5.17 -24.08
C GLN A 606 4.28 -4.69 -25.50
N MET A 607 3.23 -4.43 -26.28
CA MET A 607 3.41 -3.96 -27.65
C MET A 607 4.11 -2.61 -27.68
N GLU A 608 3.72 -1.70 -26.79
CA GLU A 608 4.37 -0.40 -26.73
C GLU A 608 5.84 -0.54 -26.36
N LYS A 609 6.14 -1.40 -25.39
CA LYS A 609 7.54 -1.61 -25.01
C LYS A 609 8.34 -2.17 -26.18
N LYS A 610 7.78 -3.13 -26.91
CA LYS A 610 8.47 -3.69 -28.06
C LYS A 610 8.69 -2.63 -29.13
N ALA A 611 7.68 -1.79 -29.38
CA ALA A 611 7.82 -0.75 -30.39
C ALA A 611 8.91 0.25 -30.00
N ALA A 612 8.94 0.66 -28.74
CA ALA A 612 9.98 1.56 -28.29
C ALA A 612 11.36 0.91 -28.41
N LYS A 613 11.45 -0.37 -28.04
CA LYS A 613 12.74 -1.05 -28.11
C LYS A 613 13.25 -1.13 -29.55
N ASP A 614 12.36 -1.47 -30.49
CA ASP A 614 12.75 -1.57 -31.88
C ASP A 614 12.96 -0.22 -32.54
N GLY A 615 12.56 0.88 -31.89
CA GLY A 615 12.71 2.19 -32.45
C GLY A 615 11.69 2.56 -33.50
N ASN A 616 10.71 1.69 -33.76
CA ASN A 616 9.69 1.98 -34.74
C ASN A 616 8.58 2.83 -34.12
N ARG A 617 8.06 3.76 -34.92
CA ARG A 617 6.91 4.55 -34.53
C ARG A 617 5.68 3.99 -35.24
N LYS A 618 4.57 4.70 -35.15
CA LYS A 618 3.27 4.34 -35.71
C LYS A 618 2.57 3.28 -34.87
N ASP A 619 3.24 2.71 -33.89
CA ASP A 619 2.66 1.70 -33.01
C ASP A 619 2.80 2.05 -31.54
N ARG A 620 3.93 2.64 -31.13
CA ARG A 620 4.13 2.99 -29.74
C ARG A 620 3.09 4.02 -29.29
N VAL A 621 2.97 5.12 -30.03
CA VAL A 621 1.96 6.12 -29.71
C VAL A 621 0.56 5.52 -29.87
N CYS A 622 0.36 4.72 -30.91
CA CYS A 622 -0.92 4.05 -31.09
C CYS A 622 -1.19 3.08 -29.94
N ALA A 623 -0.15 2.38 -29.48
CA ALA A 623 -0.33 1.48 -28.34
C ALA A 623 -0.73 2.27 -27.09
N GLU A 624 -0.09 3.42 -26.87
CA GLU A 624 -0.46 4.25 -25.72
C GLU A 624 -1.91 4.70 -25.81
N HIS A 625 -2.33 5.15 -26.99
CA HIS A 625 -3.71 5.59 -27.14
C HIS A 625 -4.69 4.43 -26.97
N LEU A 626 -4.30 3.24 -27.44
CA LEU A 626 -5.14 2.06 -27.22
C LEU A 626 -5.26 1.77 -25.73
N ARG A 627 -4.16 1.92 -24.99
CA ARG A 627 -4.21 1.75 -23.54
C ARG A 627 -5.16 2.76 -22.90
N LYS A 628 -5.09 4.02 -23.35
CA LYS A 628 -6.00 5.03 -22.82
C LYS A 628 -7.45 4.67 -23.10
N TYR A 629 -7.75 4.23 -24.33
CA TYR A 629 -9.11 3.85 -24.66
C TYR A 629 -9.56 2.65 -23.85
N ASN A 630 -8.66 1.69 -23.59
CA ASN A 630 -9.00 0.55 -22.76
C ASN A 630 -9.34 1.00 -21.33
N GLU A 631 -8.55 1.92 -20.79
CA GLU A 631 -8.85 2.44 -19.46
C GLU A 631 -10.20 3.13 -19.45
N ALA A 632 -10.49 3.89 -20.50
CA ALA A 632 -11.79 4.55 -20.62
C ALA A 632 -12.91 3.52 -20.63
N LEU A 633 -12.74 2.43 -21.39
CA LEU A 633 -13.76 1.40 -21.45
C LEU A 633 -13.96 0.74 -20.10
N GLN A 634 -12.86 0.49 -19.37
CA GLN A 634 -12.98 -0.12 -18.05
C GLN A 634 -13.74 0.79 -17.10
N ILE A 635 -13.38 2.08 -17.07
CA ILE A 635 -14.06 3.00 -16.17
C ILE A 635 -15.53 3.13 -16.56
N ASN A 636 -15.83 3.08 -17.86
CA ASN A 636 -17.22 3.04 -18.30
C ASN A 636 -17.94 1.81 -17.75
N ASP A 637 -17.29 0.65 -17.86
CA ASP A 637 -17.89 -0.56 -17.31
C ASP A 637 -18.17 -0.41 -15.82
N THR A 638 -17.31 0.31 -15.11
CA THR A 638 -17.49 0.51 -13.67
C THR A 638 -18.27 1.76 -13.33
N ILE A 639 -18.21 2.80 -14.17
CA ILE A 639 -18.76 4.11 -13.86
C ILE A 639 -19.50 4.66 -15.08
N ARG A 640 -20.32 5.68 -14.85
CA ARG A 640 -21.15 6.25 -15.90
C ARG A 640 -20.30 6.71 -17.09
N MET A 641 -20.99 7.00 -18.19
CA MET A 641 -20.31 7.44 -19.40
C MET A 641 -19.63 8.79 -19.21
N ILE A 642 -20.22 9.66 -18.38
CA ILE A 642 -19.68 11.01 -18.24
C ILE A 642 -18.28 10.96 -17.63
N ASP A 643 -18.02 10.03 -16.72
CA ASP A 643 -16.68 9.94 -16.14
C ASP A 643 -15.65 9.48 -17.16
N ALA A 644 -15.99 8.46 -17.96
CA ALA A 644 -15.05 8.01 -18.99
C ALA A 644 -14.80 9.13 -19.99
N TYR A 645 -15.86 9.86 -20.36
CA TYR A 645 -15.69 10.98 -21.26
C TYR A 645 -14.78 12.04 -20.66
N SER A 646 -14.96 12.33 -19.37
CA SER A 646 -14.11 13.33 -18.72
C SER A 646 -12.66 12.90 -18.72
N HIS A 647 -12.40 11.63 -18.39
CA HIS A 647 -11.04 11.12 -18.42
C HIS A 647 -10.43 11.26 -19.81
N LEU A 648 -11.15 10.78 -20.82
CA LEU A 648 -10.62 10.81 -22.18
C LEU A 648 -10.37 12.24 -22.65
N GLU A 649 -11.32 13.14 -22.40
CA GLU A 649 -11.19 14.50 -22.88
C GLU A 649 -10.13 15.27 -22.12
N THR A 650 -9.94 14.99 -20.82
CA THR A 650 -8.85 15.60 -20.09
C THR A 650 -7.50 15.15 -20.66
N PHE A 651 -7.35 13.85 -20.88
CA PHE A 651 -6.09 13.36 -21.44
C PHE A 651 -5.83 13.97 -22.81
N TYR A 652 -6.86 14.02 -23.65
CA TYR A 652 -6.66 14.49 -25.01
C TYR A 652 -6.51 16.01 -25.06
N THR A 653 -7.10 16.74 -24.10
CA THR A 653 -6.85 18.17 -24.00
C THR A 653 -5.42 18.44 -23.55
N ASP A 654 -4.88 17.61 -22.65
CA ASP A 654 -3.47 17.73 -22.32
C ASP A 654 -2.60 17.45 -23.53
N GLU A 655 -2.94 16.43 -24.32
CA GLU A 655 -2.18 16.14 -25.53
C GLU A 655 -2.26 17.31 -26.51
N LYS A 656 -3.44 17.92 -26.64
CA LYS A 656 -3.59 19.04 -27.55
C LYS A 656 -2.82 20.27 -27.05
N GLU A 657 -2.76 20.46 -25.73
CA GLU A 657 -1.93 21.54 -25.19
C GLU A 657 -0.46 21.29 -25.49
N LYS A 658 -0.01 20.04 -25.36
CA LYS A 658 1.35 19.70 -25.75
C LYS A 658 1.58 20.03 -27.22
N LYS A 659 0.63 19.67 -28.08
CA LYS A 659 0.79 19.91 -29.51
C LYS A 659 0.82 21.41 -29.81
N PHE A 660 -0.02 22.19 -29.14
CA PHE A 660 -0.02 23.63 -29.32
C PHE A 660 1.30 24.24 -28.90
N ALA A 661 1.86 23.79 -27.77
CA ALA A 661 3.16 24.28 -27.35
C ALA A 661 4.24 23.91 -28.36
N VAL A 662 4.20 22.69 -28.88
CA VAL A 662 5.18 22.25 -29.86
C VAL A 662 5.08 23.11 -31.12
N LEU A 663 3.85 23.40 -31.57
CA LEU A 663 3.68 24.28 -32.72
C LEU A 663 4.22 25.68 -32.42
N ASN A 664 3.98 26.19 -31.21
CA ASN A 664 4.42 27.54 -30.87
C ASN A 664 5.93 27.66 -30.85
N ASP A 665 6.64 26.70 -30.25
CA ASP A 665 8.10 26.83 -30.17
C ASP A 665 8.73 26.79 -31.56
N SER A 666 8.08 26.12 -32.51
CA SER A 666 8.57 26.05 -33.89
C SER A 666 7.98 27.18 -34.73
N LEU A 672 3.55 17.74 -37.86
CA LEU A 672 2.42 16.92 -38.30
C LEU A 672 2.85 15.47 -38.49
N ASP A 673 2.32 14.59 -37.66
CA ASP A 673 2.62 13.16 -37.72
C ASP A 673 1.37 12.40 -38.09
N GLU A 674 1.51 11.48 -39.05
CA GLU A 674 0.36 10.80 -39.64
C GLU A 674 -0.50 10.11 -38.58
N THR A 675 0.13 9.37 -37.67
CA THR A 675 -0.63 8.71 -36.60
C THR A 675 -1.34 9.72 -35.72
N ASP A 676 -0.60 10.71 -35.20
CA ASP A 676 -1.21 11.69 -34.30
C ASP A 676 -2.33 12.44 -35.00
N GLU A 677 -2.09 12.86 -36.24
CA GLU A 677 -3.07 13.68 -36.94
C GLU A 677 -4.28 12.84 -37.35
N PHE A 678 -4.05 11.62 -37.82
CA PHE A 678 -5.16 10.71 -38.11
C PHE A 678 -6.00 10.47 -36.87
N LEU A 679 -5.35 10.13 -35.76
CA LEU A 679 -6.09 9.91 -34.52
C LEU A 679 -6.86 11.15 -34.11
N MET A 680 -6.26 12.33 -34.28
CA MET A 680 -6.92 13.53 -33.80
C MET A 680 -8.08 13.94 -34.69
N ASN A 681 -7.96 13.74 -36.00
CA ASN A 681 -9.07 14.01 -36.90
C ASN A 681 -10.22 13.06 -36.63
N LEU A 682 -9.92 11.78 -36.40
CA LEU A 682 -10.94 10.86 -35.93
C LEU A 682 -11.54 11.37 -34.62
N PHE A 683 -10.70 11.81 -33.70
CA PHE A 683 -11.17 12.15 -32.36
C PHE A 683 -12.09 13.34 -32.42
N PHE A 684 -11.61 14.53 -32.80
CA PHE A 684 -12.45 15.72 -32.70
C PHE A 684 -13.90 15.39 -33.04
N ASP A 685 -14.10 14.71 -34.16
CA ASP A 685 -15.44 14.33 -34.59
C ASP A 685 -16.09 13.37 -33.60
N ASN A 686 -15.39 12.28 -33.25
CA ASN A 686 -16.01 11.30 -32.35
C ASN A 686 -16.23 11.89 -30.97
N LYS A 687 -15.37 12.79 -30.53
CA LYS A 687 -15.52 13.48 -29.26
C LYS A 687 -16.75 14.37 -29.27
N LYS A 688 -16.97 15.12 -30.35
CA LYS A 688 -18.20 15.91 -30.45
C LYS A 688 -19.43 14.99 -30.43
N MET A 689 -19.35 13.88 -31.16
CA MET A 689 -20.48 12.95 -31.20
C MET A 689 -20.74 12.36 -29.81
N LEU A 690 -19.68 12.03 -29.08
CA LEU A 690 -19.83 11.42 -27.76
C LEU A 690 -20.27 12.46 -26.73
N LYS A 691 -19.92 13.74 -26.94
CA LYS A 691 -20.49 14.80 -26.12
C LYS A 691 -22.00 14.87 -26.33
N LYS A 692 -22.43 14.85 -27.60
CA LYS A 692 -23.86 14.88 -27.89
C LYS A 692 -24.55 13.66 -27.29
N LEU A 693 -23.92 12.49 -27.38
CA LEU A 693 -24.54 11.26 -26.88
C LEU A 693 -24.52 11.20 -25.35
N ALA A 694 -23.55 11.84 -24.71
CA ALA A 694 -23.38 11.70 -23.27
C ALA A 694 -24.58 12.26 -22.52
N GLU A 695 -25.24 13.28 -23.06
CA GLU A 695 -26.43 13.83 -22.43
C GLU A 695 -27.60 12.87 -22.62
N ASN A 696 -27.49 11.69 -22.02
CA ASN A 696 -28.51 10.65 -22.18
C ASN A 696 -28.56 9.83 -20.90
N PRO A 697 -29.18 10.37 -19.85
CA PRO A 697 -29.26 9.64 -18.58
C PRO A 697 -30.32 8.55 -18.53
N LYS A 698 -30.90 8.18 -19.67
CA LYS A 698 -31.89 7.12 -19.68
C LYS A 698 -31.27 5.76 -19.35
N TYR A 699 -30.02 5.54 -19.75
CA TYR A 699 -29.34 4.27 -19.56
C TYR A 699 -28.01 4.47 -18.85
N GLU A 700 -28.00 5.33 -17.83
CA GLU A 700 -26.75 5.63 -17.14
C GLU A 700 -26.18 4.40 -16.44
N ASN A 701 -26.99 3.73 -15.63
CA ASN A 701 -26.56 2.56 -14.88
C ASN A 701 -27.75 2.05 -14.08
N GLU A 702 -27.61 0.86 -13.53
CA GLU A 702 -28.58 0.27 -12.61
C GLU A 702 -27.98 -0.02 -11.24
N LYS A 703 -26.70 -0.37 -11.15
CA LYS A 703 -26.08 -0.58 -9.86
C LYS A 703 -26.09 0.70 -9.03
N LEU A 704 -25.94 1.85 -9.68
CA LEU A 704 -26.02 3.11 -8.96
C LEU A 704 -27.45 3.39 -8.50
N ILE A 705 -28.44 3.05 -9.31
CA ILE A 705 -29.83 3.21 -8.90
C ILE A 705 -30.13 2.32 -7.70
N LYS A 706 -29.65 1.08 -7.75
CA LYS A 706 -29.85 0.17 -6.63
C LYS A 706 -29.12 0.66 -5.39
N LEU A 707 -27.93 1.22 -5.57
CA LEU A 707 -27.21 1.82 -4.46
C LEU A 707 -28.01 2.97 -3.86
N ARG A 708 -28.63 3.79 -4.71
CA ARG A 708 -29.46 4.88 -4.22
C ARG A 708 -30.62 4.34 -3.41
N ASN A 709 -31.28 3.28 -3.90
CA ASN A 709 -32.40 2.69 -3.18
C ASN A 709 -31.97 2.16 -1.82
N THR A 710 -30.85 1.42 -1.80
CA THR A 710 -30.30 0.95 -0.53
C THR A 710 -30.07 2.14 0.41
N ILE A 711 -29.18 3.04 0.02
CA ILE A 711 -28.84 4.22 0.82
C ILE A 711 -30.09 4.85 1.39
N LEU A 712 -31.09 5.12 0.55
CA LEU A 712 -32.26 5.84 1.04
C LEU A 712 -33.03 5.01 2.06
N GLU A 713 -33.19 3.70 1.84
CA GLU A 713 -33.97 2.95 2.83
C GLU A 713 -33.23 2.82 4.15
N GLN A 714 -31.94 2.52 4.13
CA GLN A 714 -31.24 2.42 5.40
C GLN A 714 -31.14 3.76 6.11
N PHE A 715 -30.89 4.86 5.40
CA PHE A 715 -30.80 6.14 6.10
C PHE A 715 -32.17 6.60 6.59
N THR A 716 -33.23 6.35 5.83
CA THR A 716 -34.56 6.72 6.31
C THR A 716 -34.94 5.93 7.55
N ARG A 717 -34.64 4.63 7.56
CA ARG A 717 -34.94 3.83 8.76
C ARG A 717 -33.97 4.13 9.90
N SER A 718 -32.83 4.76 9.61
CA SER A 718 -31.91 5.16 10.68
C SER A 718 -32.37 6.43 11.37
N GLU A 719 -33.11 7.29 10.68
CA GLU A 719 -33.57 8.58 11.20
C GLU A 719 -32.42 9.37 11.82
N GLU A 720 -31.45 9.70 10.96
CA GLU A 720 -30.28 10.53 11.25
C GLU A 720 -29.22 9.83 12.08
N SER A 721 -29.37 8.55 12.38
CA SER A 721 -28.41 7.78 13.15
C SER A 721 -27.63 6.80 12.28
N SER A 722 -27.33 7.20 11.04
CA SER A 722 -26.65 6.34 10.08
C SER A 722 -25.23 6.85 9.85
N ARG A 723 -24.24 6.07 10.27
CA ARG A 723 -22.84 6.41 10.05
C ARG A 723 -22.36 5.61 8.84
N GLY A 724 -22.78 6.06 7.66
CA GLY A 724 -22.55 5.29 6.45
C GLY A 724 -21.08 5.27 6.06
N ILE A 725 -20.56 4.08 5.80
CA ILE A 725 -19.20 3.89 5.30
C ILE A 725 -19.30 3.16 3.97
N ILE A 726 -18.68 3.71 2.93
CA ILE A 726 -18.67 3.13 1.59
C ILE A 726 -17.24 2.71 1.28
N PHE A 727 -17.07 1.49 0.79
CA PHE A 727 -15.79 0.98 0.34
C PHE A 727 -15.84 0.79 -1.17
N THR A 728 -14.80 1.27 -1.86
CA THR A 728 -14.67 1.08 -3.30
C THR A 728 -13.23 0.69 -3.58
N LYS A 729 -12.84 0.71 -4.86
CA LYS A 729 -11.54 0.21 -5.28
C LYS A 729 -10.51 1.30 -5.53
N THR A 730 -10.86 2.32 -6.30
CA THR A 730 -9.89 3.29 -6.81
C THR A 730 -10.21 4.70 -6.35
N ARG A 731 -9.31 5.61 -6.68
CA ARG A 731 -9.49 7.02 -6.33
C ARG A 731 -10.65 7.63 -7.10
N GLN A 732 -10.67 7.42 -8.42
CA GLN A 732 -11.67 8.06 -9.26
C GLN A 732 -13.07 7.61 -8.87
N SER A 733 -13.22 6.34 -8.51
CA SER A 733 -14.52 5.88 -8.04
C SER A 733 -14.99 6.69 -6.83
N THR A 734 -14.10 6.87 -5.85
CA THR A 734 -14.45 7.66 -4.67
C THR A 734 -14.86 9.06 -5.07
N TYR A 735 -14.01 9.75 -5.84
CA TYR A 735 -14.29 11.12 -6.23
C TYR A 735 -15.64 11.23 -6.93
N ALA A 736 -15.86 10.40 -7.95
CA ALA A 736 -17.05 10.51 -8.78
C ALA A 736 -18.31 10.15 -8.00
N LEU A 737 -18.25 9.07 -7.21
CA LEU A 737 -19.43 8.70 -6.43
C LEU A 737 -19.78 9.77 -5.41
N SER A 738 -18.76 10.36 -4.75
CA SER A 738 -19.05 11.45 -3.82
C SER A 738 -19.69 12.62 -4.54
N GLN A 739 -19.13 13.01 -5.69
CA GLN A 739 -19.67 14.15 -6.43
C GLN A 739 -21.12 13.89 -6.85
N TRP A 740 -21.37 12.70 -7.41
CA TRP A 740 -22.70 12.42 -7.93
C TRP A 740 -23.72 12.19 -6.83
N ILE A 741 -23.27 11.74 -5.66
CA ILE A 741 -24.16 11.65 -4.51
C ILE A 741 -24.51 13.05 -4.02
N MET A 742 -23.54 13.96 -3.99
CA MET A 742 -23.84 15.33 -3.59
C MET A 742 -24.77 15.99 -4.59
N GLU A 743 -24.65 15.65 -5.87
CA GLU A 743 -25.55 16.20 -6.88
C GLU A 743 -26.99 15.77 -6.64
N ASN A 744 -27.20 14.51 -6.31
CA ASN A 744 -28.55 14.01 -6.12
C ASN A 744 -29.25 14.74 -4.98
N ALA A 745 -30.51 15.12 -5.22
CA ALA A 745 -31.28 15.86 -4.23
C ALA A 745 -32.05 14.97 -3.27
N LYS A 746 -32.19 13.68 -3.58
CA LYS A 746 -32.88 12.77 -2.66
C LYS A 746 -32.10 12.64 -1.36
N PHE A 747 -30.79 12.43 -1.45
CA PHE A 747 -29.97 12.38 -0.26
C PHE A 747 -29.97 13.72 0.45
N ALA A 748 -30.03 14.81 -0.31
CA ALA A 748 -30.07 16.14 0.27
C ALA A 748 -31.33 16.32 1.12
N GLU A 749 -32.49 15.91 0.60
CA GLU A 749 -33.71 16.01 1.39
C GLU A 749 -33.66 15.07 2.58
N VAL A 750 -33.07 13.90 2.41
CA VAL A 750 -32.85 13.01 3.56
C VAL A 750 -31.86 13.62 4.55
N GLY A 751 -31.07 14.59 4.11
CA GLY A 751 -30.09 15.20 4.98
C GLY A 751 -28.74 14.51 5.00
N VAL A 752 -28.45 13.68 4.00
CA VAL A 752 -27.19 12.94 3.98
C VAL A 752 -26.05 13.89 3.63
N LYS A 753 -24.88 13.64 4.22
CA LYS A 753 -23.68 14.40 3.94
C LYS A 753 -22.58 13.43 3.55
N ALA A 754 -22.01 13.61 2.36
CA ALA A 754 -21.06 12.67 1.78
C ALA A 754 -19.72 13.33 1.58
N HIS A 755 -18.67 12.65 2.02
CA HIS A 755 -17.29 13.10 1.79
C HIS A 755 -16.42 11.89 1.46
N HIS A 756 -15.43 12.12 0.60
CA HIS A 756 -14.56 11.06 0.12
C HIS A 756 -13.27 10.98 0.93
N LEU A 757 -12.62 9.83 0.85
CA LEU A 757 -11.38 9.60 1.58
C LEU A 757 -10.50 8.66 0.78
N ILE A 758 -9.20 8.92 0.80
CA ILE A 758 -8.22 8.10 0.08
C ILE A 758 -6.93 8.03 0.88
N GLY A 759 -5.96 7.29 0.38
CA GLY A 759 -4.69 7.13 1.04
C GLY A 759 -3.79 8.33 0.83
N ALA A 760 -2.55 8.17 1.27
CA ALA A 760 -1.55 9.25 1.21
C ALA A 760 -0.58 9.10 0.04
N GLY A 761 -0.17 7.88 -0.29
CA GLY A 761 0.83 7.68 -1.33
C GLY A 761 0.43 8.32 -2.64
N HIS A 762 1.31 9.13 -3.23
CA HIS A 762 1.00 9.83 -4.47
C HIS A 762 1.10 8.85 -5.65
N SER A 763 -0.01 8.70 -6.37
CA SER A 763 -0.06 7.83 -7.55
C SER A 763 -1.40 8.04 -8.25
N SER A 764 -1.49 7.53 -9.47
CA SER A 764 -2.69 7.54 -10.30
C SER A 764 -3.09 8.95 -10.73
N GLU A 765 -2.20 9.94 -10.60
CA GLU A 765 -2.46 11.29 -11.08
C GLU A 765 -3.46 12.03 -10.19
N VAL A 766 -4.01 11.34 -9.20
CA VAL A 766 -5.03 11.92 -8.33
C VAL A 766 -4.36 12.59 -7.14
N LYS A 767 -4.93 13.71 -6.71
CA LYS A 767 -4.45 14.42 -5.53
C LYS A 767 -4.55 13.52 -4.31
N PRO A 768 -3.43 13.11 -3.72
CA PRO A 768 -3.51 12.33 -2.47
C PRO A 768 -3.99 13.20 -1.32
N MET A 769 -4.57 12.54 -0.33
CA MET A 769 -5.06 13.21 0.87
C MET A 769 -3.96 13.19 1.93
N THR A 770 -3.65 14.36 2.49
CA THR A 770 -2.64 14.45 3.53
C THR A 770 -3.16 13.82 4.82
N GLN A 771 -2.22 13.29 5.62
CA GLN A 771 -2.60 12.73 6.91
C GLN A 771 -3.37 13.73 7.74
N THR A 772 -3.05 15.02 7.64
CA THR A 772 -3.85 16.03 8.32
C THR A 772 -5.26 16.06 7.76
N GLU A 773 -5.40 16.00 6.43
CA GLU A 773 -6.72 15.96 5.83
C GLU A 773 -7.46 14.68 6.24
N GLN A 774 -6.76 13.56 6.27
CA GLN A 774 -7.37 12.32 6.73
C GLN A 774 -7.92 12.49 8.13
N LYS A 775 -7.10 13.02 9.04
CA LYS A 775 -7.55 13.19 10.42
C LYS A 775 -8.74 14.14 10.50
N GLU A 776 -8.70 15.22 9.71
CA GLU A 776 -9.82 16.16 9.70
C GLU A 776 -11.10 15.48 9.27
N VAL A 777 -11.05 14.69 8.20
CA VAL A 777 -12.25 14.02 7.72
C VAL A 777 -12.74 13.01 8.74
N ILE A 778 -11.84 12.25 9.35
CA ILE A 778 -12.25 11.25 10.33
C ILE A 778 -12.89 11.93 11.53
N SER A 779 -12.32 13.05 11.99
CA SER A 779 -12.90 13.75 13.13
C SER A 779 -14.27 14.31 12.78
N LYS A 780 -14.43 14.86 11.57
CA LYS A 780 -15.74 15.36 11.15
C LYS A 780 -16.76 14.23 11.12
N PHE A 781 -16.37 13.07 10.59
CA PHE A 781 -17.30 11.96 10.49
C PHE A 781 -17.65 11.39 11.86
N ARG A 782 -16.68 11.39 12.79
CA ARG A 782 -16.94 10.90 14.13
C ARG A 782 -17.96 11.78 14.85
N THR A 783 -17.75 13.09 14.81
CA THR A 783 -18.66 14.01 15.50
C THR A 783 -19.99 14.16 14.78
N GLY A 784 -20.15 13.61 13.58
CA GLY A 784 -21.39 13.69 12.84
C GLY A 784 -21.46 14.79 11.81
N GLU A 785 -20.41 15.60 11.65
CA GLU A 785 -20.41 16.59 10.59
C GLU A 785 -20.49 15.93 9.22
N ILE A 786 -20.09 14.67 9.13
CA ILE A 786 -20.19 13.88 7.90
C ILE A 786 -20.96 12.60 8.22
N ASN A 787 -22.05 12.36 7.49
CA ASN A 787 -22.86 11.17 7.70
C ASN A 787 -22.50 10.04 6.75
N LEU A 788 -21.90 10.35 5.60
CA LEU A 788 -21.52 9.34 4.62
C LEU A 788 -20.05 9.53 4.28
N LEU A 789 -19.26 8.46 4.42
CA LEU A 789 -17.82 8.50 4.24
C LEU A 789 -17.43 7.47 3.19
N ILE A 790 -17.03 7.95 2.01
CA ILE A 790 -16.48 7.09 0.97
C ILE A 790 -14.99 6.94 1.21
N ALA A 791 -14.49 5.72 1.15
CA ALA A 791 -13.09 5.46 1.49
C ALA A 791 -12.59 4.30 0.62
N THR A 792 -11.41 3.79 0.97
CA THR A 792 -10.79 2.67 0.27
C THR A 792 -10.16 1.78 1.33
N THR A 793 -9.28 0.87 0.89
CA THR A 793 -8.66 -0.09 1.80
C THR A 793 -8.14 0.55 3.09
N VAL A 794 -7.85 1.85 3.08
CA VAL A 794 -7.40 2.49 4.31
C VAL A 794 -8.46 2.36 5.39
N ALA A 795 -9.73 2.59 5.04
CA ALA A 795 -10.79 2.46 6.03
C ALA A 795 -10.88 1.05 6.57
N GLU A 796 -10.49 0.06 5.79
CA GLU A 796 -10.55 -1.33 6.23
C GLU A 796 -9.57 -1.63 7.36
N GLU A 797 -8.60 -0.75 7.60
CA GLU A 797 -7.63 -0.92 8.67
C GLU A 797 -7.56 0.35 9.51
N GLY A 798 -7.23 0.19 10.78
CA GLY A 798 -7.23 1.33 11.67
C GLY A 798 -8.59 1.98 11.72
N LEU A 799 -8.61 3.32 11.70
CA LEU A 799 -9.85 4.09 11.65
C LEU A 799 -10.81 3.63 12.75
N ASP A 800 -10.37 3.84 13.99
CA ASP A 800 -11.19 3.48 15.15
C ASP A 800 -12.36 4.44 15.25
N ILE A 801 -13.55 3.97 14.89
CA ILE A 801 -14.78 4.74 14.93
C ILE A 801 -15.73 4.11 15.93
N LYS A 802 -16.35 4.95 16.77
CA LYS A 802 -17.25 4.44 17.80
C LYS A 802 -18.47 3.75 17.19
N GLU A 803 -19.09 4.37 16.19
CA GLU A 803 -20.33 3.88 15.61
C GLU A 803 -20.17 3.66 14.12
N CYS A 804 -20.58 2.48 13.64
CA CYS A 804 -20.54 2.16 12.22
C CYS A 804 -21.64 1.13 11.97
N ASN A 805 -22.75 1.57 11.41
CA ASN A 805 -23.92 0.71 11.21
C ASN A 805 -24.00 0.17 9.78
N ILE A 806 -24.01 1.06 8.79
CA ILE A 806 -24.23 0.68 7.40
C ILE A 806 -22.87 0.73 6.70
N VAL A 807 -22.21 -0.42 6.61
CA VAL A 807 -20.93 -0.53 5.91
C VAL A 807 -21.20 -1.29 4.62
N ILE A 808 -21.09 -0.60 3.49
CA ILE A 808 -21.43 -1.17 2.18
C ILE A 808 -20.16 -1.29 1.36
N ARG A 809 -20.01 -2.42 0.67
CA ARG A 809 -18.89 -2.66 -0.23
C ARG A 809 -19.40 -2.66 -1.66
N TYR A 810 -18.86 -1.76 -2.47
CA TYR A 810 -19.29 -1.57 -3.86
C TYR A 810 -18.34 -2.33 -4.80
N GLY A 811 -18.47 -3.65 -4.78
CA GLY A 811 -17.73 -4.49 -5.70
C GLY A 811 -16.24 -4.56 -5.41
N LEU A 812 -15.86 -5.12 -4.26
CA LEU A 812 -14.46 -5.32 -3.95
C LEU A 812 -14.34 -6.44 -2.93
N VAL A 813 -13.12 -6.96 -2.82
CA VAL A 813 -12.80 -7.99 -1.84
C VAL A 813 -11.28 -8.11 -1.79
N THR A 814 -10.74 -8.19 -0.56
CA THR A 814 -9.29 -8.26 -0.39
C THR A 814 -8.85 -9.58 0.21
N ASN A 815 -9.33 -9.96 1.39
CA ASN A 815 -8.87 -11.20 2.02
C ASN A 815 -9.64 -11.42 3.31
N GLU A 816 -9.38 -12.57 3.93
CA GLU A 816 -10.07 -12.93 5.17
C GLU A 816 -9.68 -12.00 6.31
N ILE A 817 -8.40 -11.63 6.40
CA ILE A 817 -7.95 -10.79 7.51
C ILE A 817 -8.63 -9.42 7.44
N ALA A 818 -8.54 -8.76 6.28
CA ALA A 818 -9.16 -7.47 6.13
C ALA A 818 -10.69 -7.58 6.14
N MET A 819 -11.22 -8.69 5.64
CA MET A 819 -12.67 -8.88 5.70
C MET A 819 -13.16 -8.91 7.14
N VAL A 820 -12.48 -9.68 8.00
CA VAL A 820 -12.89 -9.77 9.39
C VAL A 820 -12.67 -8.45 10.11
N GLN A 821 -11.56 -7.76 9.80
CA GLN A 821 -11.32 -6.46 10.43
C GLN A 821 -12.40 -5.45 10.05
N ALA A 822 -12.78 -5.39 8.78
CA ALA A 822 -13.82 -4.47 8.35
C ALA A 822 -15.15 -4.83 8.97
N ARG A 823 -15.50 -6.13 8.98
CA ARG A 823 -16.77 -6.54 9.56
C ARG A 823 -16.81 -6.29 11.07
N GLY A 824 -15.65 -6.30 11.72
CA GLY A 824 -15.58 -5.89 13.11
C GLY A 824 -15.51 -4.40 13.34
N ARG A 825 -15.24 -3.62 12.29
CA ARG A 825 -15.26 -2.17 12.41
C ARG A 825 -16.68 -1.63 12.49
N ALA A 826 -17.68 -2.43 12.09
CA ALA A 826 -19.08 -2.06 12.22
C ALA A 826 -19.49 -2.24 13.69
N ARG A 827 -18.95 -1.37 14.53
CA ARG A 827 -19.09 -1.50 15.98
C ARG A 827 -20.38 -0.82 16.43
N ALA A 828 -21.50 -1.53 16.21
CA ALA A 828 -22.79 -1.07 16.68
C ALA A 828 -23.73 -2.25 16.74
N ASP A 829 -24.80 -2.10 17.51
CA ASP A 829 -25.75 -3.20 17.70
C ASP A 829 -26.37 -3.63 16.37
N GLU A 830 -27.10 -2.72 15.73
CA GLU A 830 -27.78 -3.01 14.46
C GLU A 830 -26.94 -2.40 13.34
N SER A 831 -25.97 -3.18 12.87
CA SER A 831 -25.09 -2.78 11.79
C SER A 831 -25.32 -3.68 10.57
N THR A 832 -25.39 -3.06 9.40
CA THR A 832 -25.63 -3.77 8.15
C THR A 832 -24.33 -3.85 7.38
N TYR A 833 -23.75 -5.05 7.30
CA TYR A 833 -22.61 -5.32 6.43
C TYR A 833 -23.18 -5.70 5.07
N VAL A 834 -23.31 -4.71 4.21
CA VAL A 834 -23.99 -4.86 2.92
C VAL A 834 -22.95 -5.01 1.83
N LEU A 835 -23.17 -5.97 0.93
CA LEU A 835 -22.28 -6.22 -0.20
C LEU A 835 -23.06 -5.98 -1.48
N VAL A 836 -22.88 -4.81 -2.09
CA VAL A 836 -23.51 -4.49 -3.36
C VAL A 836 -22.51 -4.86 -4.45
N THR A 837 -22.84 -5.86 -5.26
CA THR A 837 -21.88 -6.42 -6.20
C THR A 837 -22.55 -6.70 -7.53
N SER A 838 -21.72 -6.87 -8.55
CA SER A 838 -22.18 -7.37 -9.84
C SER A 838 -22.22 -8.89 -9.82
N SER A 839 -23.11 -9.47 -10.63
CA SER A 839 -23.26 -10.92 -10.65
C SER A 839 -21.96 -11.61 -11.05
N GLY A 840 -21.11 -10.93 -11.81
CA GLY A 840 -19.86 -11.55 -12.24
C GLY A 840 -18.91 -11.82 -11.08
N SER A 841 -18.79 -10.86 -10.16
CA SER A 841 -17.83 -11.00 -9.06
C SER A 841 -18.31 -12.05 -8.08
N GLY A 842 -17.44 -13.01 -7.76
CA GLY A 842 -17.78 -14.06 -6.83
C GLY A 842 -17.37 -13.75 -5.41
N VAL A 843 -17.82 -12.60 -4.88
CA VAL A 843 -17.44 -12.22 -3.52
C VAL A 843 -18.10 -13.12 -2.50
N THR A 844 -19.28 -13.68 -2.83
CA THR A 844 -19.93 -14.60 -1.91
C THR A 844 -19.06 -15.83 -1.66
N GLU A 845 -18.44 -16.35 -2.73
CA GLU A 845 -17.52 -17.47 -2.55
C GLU A 845 -16.38 -17.09 -1.61
N ARG A 846 -15.85 -15.88 -1.77
CA ARG A 846 -14.71 -15.46 -0.95
C ARG A 846 -15.11 -15.28 0.50
N GLU A 847 -16.30 -14.74 0.77
CA GLU A 847 -16.72 -14.59 2.16
C GLU A 847 -17.00 -15.93 2.80
N ILE A 848 -17.60 -16.87 2.05
CA ILE A 848 -17.79 -18.22 2.58
C ILE A 848 -16.45 -18.85 2.89
N VAL A 849 -15.49 -18.72 1.96
CA VAL A 849 -14.17 -19.30 2.19
C VAL A 849 -13.47 -18.58 3.32
N ASN A 850 -13.80 -17.31 3.56
CA ASN A 850 -13.19 -16.58 4.67
C ASN A 850 -13.71 -17.08 6.01
N ASP A 851 -15.02 -17.32 6.10
CA ASP A 851 -15.55 -17.92 7.32
C ASP A 851 -14.98 -19.32 7.54
N PHE A 852 -14.84 -20.09 6.46
CA PHE A 852 -14.29 -21.43 6.58
C PHE A 852 -12.81 -21.38 6.95
N ARG A 853 -12.07 -20.39 6.43
CA ARG A 853 -10.69 -20.20 6.87
C ARG A 853 -10.64 -19.75 8.32
N GLU A 854 -11.64 -19.01 8.78
CA GLU A 854 -11.69 -18.62 10.19
C GLU A 854 -11.82 -19.84 11.08
N LYS A 855 -12.77 -20.73 10.77
CA LYS A 855 -12.92 -21.93 11.58
C LYS A 855 -11.70 -22.83 11.43
N MET A 856 -11.13 -22.91 10.23
CA MET A 856 -9.93 -23.71 10.02
C MET A 856 -8.75 -23.14 10.81
N MET A 857 -8.66 -21.82 10.89
CA MET A 857 -7.61 -21.18 11.66
C MET A 857 -7.78 -21.48 13.15
N TYR A 858 -9.02 -21.44 13.64
CA TYR A 858 -9.24 -21.83 15.03
C TYR A 858 -8.86 -23.28 15.26
N LYS A 859 -9.21 -24.16 14.31
CA LYS A 859 -8.86 -25.57 14.45
C LYS A 859 -7.35 -25.76 14.45
N ALA A 860 -6.64 -25.06 13.58
CA ALA A 860 -5.19 -25.16 13.53
C ALA A 860 -4.56 -24.59 14.79
N ILE A 861 -5.16 -23.52 15.34
CA ILE A 861 -4.68 -22.97 16.59
C ILE A 861 -4.82 -24.00 17.71
N ASN A 862 -5.98 -24.66 17.77
CA ASN A 862 -6.17 -25.72 18.75
C ASN A 862 -5.15 -26.84 18.55
N ARG A 863 -4.92 -27.22 17.30
CA ARG A 863 -3.96 -28.29 17.01
C ARG A 863 -2.57 -27.92 17.52
N VAL A 864 -2.07 -26.74 17.12
CA VAL A 864 -0.73 -26.33 17.52
C VAL A 864 -0.65 -26.21 19.04
N GLN A 865 -1.72 -25.72 19.67
CA GLN A 865 -1.77 -25.70 21.12
C GLN A 865 -1.80 -27.11 21.71
N ASN A 866 -2.13 -28.12 20.90
CA ASN A 866 -2.14 -29.50 21.33
C ASN A 866 -1.01 -30.33 20.74
N MET A 867 -0.16 -29.76 19.88
CA MET A 867 0.97 -30.49 19.34
C MET A 867 1.98 -30.79 20.44
N LYS A 868 2.83 -31.76 20.17
CA LYS A 868 3.86 -32.16 21.13
C LYS A 868 4.86 -31.02 21.31
N PRO A 869 5.18 -30.63 22.54
CA PRO A 869 6.16 -29.55 22.72
C PRO A 869 7.49 -29.83 22.03
N GLU A 870 7.97 -31.07 22.04
CA GLU A 870 9.22 -31.38 21.37
C GLU A 870 9.08 -31.24 19.86
N GLU A 871 8.01 -31.79 19.29
CA GLU A 871 7.77 -31.65 17.86
C GLU A 871 7.54 -30.20 17.48
N TYR A 872 6.84 -29.45 18.34
CA TYR A 872 6.63 -28.02 18.09
C TYR A 872 7.96 -27.30 18.03
N ALA A 873 8.84 -27.55 19.00
CA ALA A 873 10.15 -26.91 19.01
C ALA A 873 10.94 -27.28 17.76
N HIS A 874 10.92 -28.58 17.39
CA HIS A 874 11.66 -29.01 16.22
C HIS A 874 11.16 -28.32 14.96
N LYS A 875 9.84 -28.21 14.79
CA LYS A 875 9.30 -27.60 13.58
C LYS A 875 9.58 -26.09 13.54
N ILE A 876 9.47 -25.42 14.69
CA ILE A 876 9.76 -23.99 14.68
C ILE A 876 11.23 -23.75 14.36
N LEU A 877 12.12 -24.60 14.90
CA LEU A 877 13.53 -24.47 14.54
C LEU A 877 13.73 -24.75 13.06
N GLU A 878 13.00 -25.73 12.52
CA GLU A 878 13.07 -26.02 11.10
C GLU A 878 12.75 -24.79 10.27
N LEU A 879 11.63 -24.13 10.57
CA LEU A 879 11.24 -22.96 9.77
C LEU A 879 12.15 -21.77 10.03
N GLN A 880 12.71 -21.67 11.24
CA GLN A 880 13.71 -20.64 11.49
C GLN A 880 14.92 -20.83 10.58
N VAL A 881 15.39 -22.06 10.43
CA VAL A 881 16.50 -22.33 9.53
C VAL A 881 16.09 -22.04 8.09
N GLN A 882 14.87 -22.43 7.72
CA GLN A 882 14.33 -22.06 6.41
C GLN A 882 14.55 -20.58 6.13
N SER A 883 14.02 -19.73 7.01
CA SER A 883 14.10 -18.29 6.79
C SER A 883 15.54 -17.80 6.79
N ILE A 884 16.36 -18.29 7.72
CA ILE A 884 17.74 -17.82 7.82
C ILE A 884 18.49 -18.12 6.53
N LEU A 885 18.39 -19.35 6.04
CA LEU A 885 19.10 -19.73 4.82
C LEU A 885 18.53 -19.00 3.61
N GLU A 886 17.21 -18.80 3.57
CA GLU A 886 16.62 -18.06 2.46
C GLU A 886 17.18 -16.65 2.40
N LYS A 887 17.24 -15.95 3.53
CA LYS A 887 17.80 -14.61 3.54
C LYS A 887 19.29 -14.65 3.19
N LYS A 888 20.02 -15.63 3.71
CA LYS A 888 21.44 -15.75 3.42
C LYS A 888 21.68 -15.81 1.92
N MET A 889 21.00 -16.72 1.23
CA MET A 889 21.23 -16.88 -0.20
C MET A 889 20.55 -15.78 -1.03
N LYS A 890 19.54 -15.10 -0.48
CA LYS A 890 19.03 -13.89 -1.13
C LYS A 890 20.10 -12.80 -1.15
N VAL A 891 20.78 -12.60 -0.03
CA VAL A 891 21.91 -11.68 0.00
C VAL A 891 23.00 -12.15 -0.95
N LYS A 892 23.30 -13.45 -0.93
CA LYS A 892 24.32 -14.01 -1.81
C LYS A 892 24.03 -13.68 -3.28
N ARG A 893 22.80 -13.92 -3.71
CA ARG A 893 22.41 -13.59 -5.08
C ARG A 893 22.36 -12.09 -5.31
N SER A 894 22.17 -11.31 -4.25
CA SER A 894 21.99 -9.86 -4.36
C SER A 894 23.14 -9.10 -3.71
N ILE A 895 24.33 -9.71 -3.64
CA ILE A 895 25.51 -9.00 -3.14
C ILE A 895 25.67 -7.75 -4.00
N ALA A 896 25.91 -7.96 -5.30
CA ALA A 896 25.79 -6.92 -6.31
C ALA A 896 24.80 -7.30 -7.39
N LYS A 897 25.00 -8.44 -8.04
CA LYS A 897 24.11 -8.97 -9.07
C LYS A 897 24.18 -8.15 -10.36
N GLN A 898 24.90 -7.03 -10.32
CA GLN A 898 25.05 -6.16 -11.48
C GLN A 898 26.27 -5.28 -11.22
N TYR A 899 27.37 -5.56 -11.91
CA TYR A 899 28.62 -4.85 -11.69
C TYR A 899 29.19 -4.37 -13.01
N ASN A 900 29.46 -3.06 -13.10
CA ASN A 900 30.09 -2.48 -14.27
C ASN A 900 30.55 -1.06 -13.95
N ASP A 901 31.81 -0.75 -14.22
CA ASP A 901 32.39 0.57 -13.99
C ASP A 901 32.64 1.21 -15.35
N ASN A 902 31.60 1.83 -15.90
CA ASN A 902 31.64 2.47 -17.21
C ASN A 902 30.98 3.85 -17.11
N PRO A 903 31.74 4.86 -16.69
CA PRO A 903 31.10 6.17 -16.41
C PRO A 903 30.33 6.72 -17.61
N SER A 904 30.98 6.83 -18.78
CA SER A 904 30.36 7.36 -19.98
C SER A 904 30.59 6.36 -21.11
N LEU A 905 29.70 5.37 -21.22
CA LEU A 905 29.79 4.36 -22.26
C LEU A 905 28.41 3.96 -22.78
N ILE A 906 27.45 4.88 -22.76
CA ILE A 906 26.12 4.65 -23.29
C ILE A 906 25.59 5.95 -23.90
N THR A 907 24.51 5.83 -24.65
CA THR A 907 23.80 6.97 -25.20
C THR A 907 22.33 6.85 -24.81
N LEU A 908 21.77 7.93 -24.29
CA LEU A 908 20.38 7.98 -23.89
C LEU A 908 19.59 8.73 -24.96
N LEU A 909 18.56 8.08 -25.50
CA LEU A 909 17.74 8.62 -26.56
C LEU A 909 16.31 8.79 -26.06
N CYS A 910 15.54 9.61 -26.76
CA CYS A 910 14.13 9.77 -26.43
C CYS A 910 13.37 8.51 -26.78
N LYS A 911 12.25 8.31 -26.10
CA LYS A 911 11.48 7.07 -26.24
C LYS A 911 10.51 7.14 -27.43
N ASN A 912 9.58 8.09 -27.41
CA ASN A 912 8.60 8.17 -28.48
C ASN A 912 9.27 8.42 -29.82
N CYS A 913 10.23 9.34 -29.86
CA CYS A 913 11.05 9.58 -31.04
C CYS A 913 12.49 9.21 -30.72
N SER A 914 13.21 8.69 -31.71
CA SER A 914 14.56 8.16 -31.51
C SER A 914 15.56 9.21 -31.99
N MET A 915 16.00 10.07 -31.07
CA MET A 915 17.08 11.01 -31.33
C MET A 915 18.04 10.97 -30.16
N LEU A 916 19.31 11.23 -30.43
CA LEU A 916 20.31 11.28 -29.37
C LEU A 916 19.98 12.42 -28.41
N VAL A 917 19.72 12.06 -27.15
CA VAL A 917 19.39 13.06 -26.13
C VAL A 917 20.65 13.42 -25.36
N CYS A 918 21.33 12.42 -24.80
CA CYS A 918 22.52 12.67 -23.99
C CYS A 918 23.44 11.47 -24.06
N SER A 919 24.60 11.60 -23.42
CA SER A 919 25.55 10.51 -23.24
C SER A 919 25.85 10.35 -21.76
N GLY A 920 26.70 9.39 -21.44
CA GLY A 920 27.06 9.14 -20.06
C GLY A 920 28.10 10.06 -19.49
N GLU A 921 28.58 11.03 -20.27
CA GLU A 921 29.58 11.98 -19.79
C GLU A 921 28.98 13.32 -19.39
N ASN A 922 27.88 13.74 -20.02
CA ASN A 922 27.28 15.04 -19.73
C ASN A 922 26.28 15.00 -18.58
N ILE A 923 25.94 13.82 -18.08
CA ILE A 923 24.93 13.69 -17.04
C ILE A 923 25.63 13.66 -15.69
N HIS A 924 24.89 14.03 -14.64
CA HIS A 924 25.45 14.10 -13.29
C HIS A 924 24.37 13.75 -12.29
N VAL A 925 24.82 13.44 -11.07
CA VAL A 925 23.96 12.97 -9.99
C VAL A 925 24.02 13.98 -8.85
N ILE A 926 22.90 14.08 -8.13
CA ILE A 926 22.76 14.97 -6.98
C ILE A 926 22.23 14.15 -5.82
N GLU A 927 22.90 14.23 -4.67
CA GLU A 927 22.47 13.57 -3.45
C GLU A 927 22.39 12.06 -3.61
N LYS A 928 23.03 11.51 -4.63
CA LYS A 928 22.87 10.11 -5.00
C LYS A 928 21.42 9.77 -5.32
N MET A 929 20.60 10.79 -5.55
CA MET A 929 19.16 10.64 -5.69
C MET A 929 18.65 11.10 -7.04
N HIS A 930 18.97 12.32 -7.46
CA HIS A 930 18.36 12.96 -8.61
C HIS A 930 19.36 13.07 -9.76
N HIS A 931 18.92 12.71 -10.96
CA HIS A 931 19.78 12.68 -12.14
C HIS A 931 19.44 13.88 -13.01
N VAL A 932 20.46 14.56 -13.55
CA VAL A 932 20.21 15.76 -14.34
C VAL A 932 21.44 16.09 -15.16
N ASN A 933 21.22 16.81 -16.25
CA ASN A 933 22.30 17.33 -17.09
C ASN A 933 22.08 18.81 -17.30
N MET A 934 23.18 19.56 -17.45
CA MET A 934 23.12 21.01 -17.56
C MET A 934 23.85 21.55 -18.79
N THR A 935 24.29 20.69 -19.70
CA THR A 935 25.02 21.17 -20.85
C THR A 935 24.13 22.06 -21.71
N PRO A 936 24.66 23.16 -22.28
CA PRO A 936 23.83 23.99 -23.15
C PRO A 936 23.23 23.23 -24.32
N GLU A 937 23.93 22.22 -24.83
CA GLU A 937 23.36 21.41 -25.90
C GLU A 937 22.06 20.77 -25.46
N PHE A 938 22.03 20.24 -24.24
CA PHE A 938 20.78 19.76 -23.67
C PHE A 938 19.77 20.89 -23.54
N LYS A 939 20.24 22.08 -23.16
CA LYS A 939 19.34 23.22 -23.00
C LYS A 939 18.66 23.57 -24.31
N GLY A 940 19.41 23.53 -25.42
CA GLY A 940 18.88 23.96 -26.71
C GLY A 940 18.22 22.85 -27.51
N LEU A 941 17.90 21.74 -26.86
CA LEU A 941 17.27 20.61 -27.53
C LEU A 941 15.87 20.30 -27.03
N TYR A 942 15.61 20.48 -25.73
CA TYR A 942 14.32 20.12 -25.16
C TYR A 942 13.36 21.30 -25.22
N ILE A 943 12.19 21.12 -24.63
CA ILE A 943 11.18 22.17 -24.54
C ILE A 943 10.65 22.19 -23.10
N VAL A 944 10.13 23.34 -22.70
CA VAL A 944 9.64 23.56 -21.33
C VAL A 944 8.14 23.81 -21.40
N ARG A 945 7.39 23.11 -20.56
CA ARG A 945 5.95 23.32 -20.46
C ARG A 945 5.64 24.28 -19.32
N GLU A 946 4.77 25.25 -19.60
CA GLU A 946 4.27 26.11 -18.54
C GLU A 946 3.66 25.26 -17.43
N ASN A 947 4.09 25.50 -16.21
CA ASN A 947 3.70 24.64 -15.10
C ASN A 947 2.19 24.53 -15.00
N LYS A 948 1.71 23.32 -14.77
CA LYS A 948 0.28 23.09 -14.62
C LYS A 948 -0.25 23.87 -13.42
N THR A 949 -1.45 24.41 -13.57
CA THR A 949 -2.09 25.18 -12.50
C THR A 949 -3.37 24.49 -12.04
N THR A 959 6.94 26.50 -10.25
CA THR A 959 8.36 26.31 -9.99
C THR A 959 8.84 25.00 -10.59
N ASN A 960 8.21 23.90 -10.20
CA ASN A 960 8.57 22.57 -10.69
C ASN A 960 7.86 22.30 -12.02
N GLY A 961 8.16 23.14 -13.00
CA GLY A 961 7.56 22.99 -14.31
C GLY A 961 8.04 21.73 -15.02
N GLU A 962 7.20 21.26 -15.95
CA GLU A 962 7.50 20.05 -16.69
C GLU A 962 8.40 20.36 -17.87
N ILE A 963 9.17 19.35 -18.28
CA ILE A 963 10.09 19.43 -19.40
C ILE A 963 9.75 18.28 -20.35
N ILE A 964 9.66 18.58 -21.65
CA ILE A 964 9.21 17.59 -22.62
C ILE A 964 10.08 17.65 -23.86
N CYS A 965 9.84 16.70 -24.75
CA CYS A 965 10.56 16.57 -26.00
C CYS A 965 9.85 17.34 -27.11
N LYS A 966 10.42 17.29 -28.32
CA LYS A 966 9.78 17.89 -29.49
C LYS A 966 8.62 17.06 -30.00
N CYS A 967 8.55 15.78 -29.64
CA CYS A 967 7.48 14.90 -30.05
C CYS A 967 6.36 14.82 -29.02
N GLY A 968 6.38 15.67 -28.01
CA GLY A 968 5.37 15.67 -26.97
C GLY A 968 5.61 14.69 -25.85
N GLN A 969 6.72 13.95 -25.88
CA GLN A 969 7.02 13.00 -24.82
C GLN A 969 7.53 13.72 -23.59
N ALA A 970 6.98 13.38 -22.42
CA ALA A 970 7.41 13.99 -21.17
C ALA A 970 8.77 13.43 -20.75
N TRP A 971 9.70 14.34 -20.43
CA TRP A 971 11.05 13.95 -20.08
C TRP A 971 11.32 14.06 -18.58
N GLY A 972 10.62 14.92 -17.87
CA GLY A 972 10.85 15.07 -16.44
C GLY A 972 10.21 16.32 -15.88
N THR A 973 10.84 16.86 -14.84
CA THR A 973 10.37 18.07 -14.18
C THR A 973 11.56 18.93 -13.79
N MET A 974 11.34 20.25 -13.77
CA MET A 974 12.36 21.16 -13.27
C MET A 974 12.49 21.02 -11.76
N MET A 975 13.69 21.32 -11.26
CA MET A 975 13.97 21.21 -9.84
C MET A 975 14.81 22.41 -9.40
N VAL A 976 14.69 22.73 -8.12
CA VAL A 976 15.48 23.77 -7.48
C VAL A 976 16.21 23.11 -6.31
N HIS A 977 17.36 22.53 -6.58
CA HIS A 977 18.31 22.11 -5.57
C HIS A 977 19.66 22.67 -5.97
N LYS A 978 20.40 23.20 -5.00
CA LYS A 978 21.57 24.03 -5.20
C LYS A 978 21.18 25.44 -5.66
N GLY A 979 19.89 25.70 -5.89
CA GLY A 979 19.45 26.96 -6.43
C GLY A 979 19.33 26.95 -7.95
N LEU A 980 20.15 26.14 -8.62
CA LEU A 980 20.08 26.03 -10.07
C LEU A 980 18.76 25.40 -10.50
N ASP A 981 18.20 25.91 -11.59
CA ASP A 981 16.97 25.38 -12.16
C ASP A 981 17.30 24.13 -12.99
N LEU A 982 17.64 23.06 -12.28
CA LEU A 982 18.16 21.87 -12.94
C LEU A 982 17.00 20.96 -13.35
N PRO A 983 16.87 20.60 -14.64
CA PRO A 983 15.78 19.73 -15.07
C PRO A 983 16.07 18.26 -14.77
N CYS A 984 15.43 17.73 -13.75
CA CYS A 984 15.52 16.30 -13.48
C CYS A 984 14.65 15.55 -14.49
N LEU A 985 15.10 14.34 -14.84
CA LEU A 985 14.44 13.54 -15.85
C LEU A 985 14.18 12.13 -15.32
N LYS A 986 13.11 11.52 -15.82
CA LYS A 986 12.72 10.17 -15.44
C LYS A 986 13.22 9.20 -16.50
N ILE A 987 14.02 8.23 -16.07
CA ILE A 987 14.54 7.24 -17.01
C ILE A 987 13.43 6.41 -17.63
N ARG A 988 12.25 6.38 -17.00
CA ARG A 988 11.14 5.62 -17.56
C ARG A 988 10.72 6.14 -18.92
N ASN A 989 10.97 7.41 -19.22
CA ASN A 989 10.58 8.01 -20.48
C ASN A 989 11.69 8.02 -21.51
N PHE A 990 12.85 7.44 -21.21
CA PHE A 990 13.99 7.42 -22.11
C PHE A 990 14.30 5.99 -22.53
N VAL A 991 15.26 5.85 -23.46
CA VAL A 991 15.74 4.56 -23.93
C VAL A 991 17.26 4.61 -23.95
N VAL A 992 17.87 3.43 -23.83
CA VAL A 992 19.31 3.31 -23.67
C VAL A 992 19.90 2.59 -24.88
N ASN A 993 21.15 2.94 -25.21
CA ASN A 993 21.87 2.29 -26.30
C ASN A 993 23.34 2.17 -25.88
N PHE A 994 23.81 0.93 -25.72
CA PHE A 994 25.22 0.72 -25.40
C PHE A 994 26.09 0.96 -26.63
N LYS A 995 27.25 1.56 -26.42
CA LYS A 995 28.17 1.79 -27.54
C LYS A 995 28.75 0.48 -28.06
N ASN A 996 28.91 -0.52 -27.19
CA ASN A 996 29.53 -1.78 -27.61
C ASN A 996 28.66 -2.51 -28.61
N ASN A 997 27.44 -2.88 -28.21
CA ASN A 997 26.54 -3.65 -29.07
C ASN A 997 25.10 -3.14 -29.10
N SER A 998 24.71 -2.23 -28.21
CA SER A 998 23.42 -1.54 -28.30
C SER A 998 22.23 -2.50 -28.38
N PRO A 999 22.07 -3.42 -27.44
CA PRO A 999 20.79 -4.15 -27.34
C PRO A 999 19.73 -3.32 -26.62
N LYS A 1000 19.06 -2.46 -27.39
CA LYS A 1000 18.06 -1.55 -26.84
C LYS A 1000 17.17 -2.25 -25.82
N LYS A 1001 17.03 -1.64 -24.65
CA LYS A 1001 16.22 -2.18 -23.58
C LYS A 1001 15.68 -1.04 -22.74
N GLN A 1002 14.69 -1.35 -21.91
CA GLN A 1002 14.06 -0.38 -21.03
C GLN A 1002 14.37 -0.72 -19.58
N TYR A 1003 14.62 0.31 -18.77
CA TYR A 1003 14.98 0.14 -17.36
C TYR A 1003 13.84 0.44 -16.40
N LYS A 1004 13.06 1.49 -16.66
CA LYS A 1004 11.89 1.87 -15.86
C LYS A 1004 12.27 2.39 -14.47
N LYS A 1005 13.55 2.39 -14.12
CA LYS A 1005 13.97 2.84 -12.79
C LYS A 1005 15.46 3.11 -12.81
N TRP A 1006 15.87 4.19 -12.15
CA TRP A 1006 17.29 4.57 -12.17
C TRP A 1006 18.15 3.53 -11.47
N VAL A 1007 17.68 2.98 -10.34
CA VAL A 1007 18.50 2.07 -9.57
C VAL A 1007 18.72 0.76 -10.32
N GLU A 1008 17.73 0.32 -11.08
CA GLU A 1008 17.77 -1.03 -11.64
C GLU A 1008 18.97 -1.24 -12.56
N LEU A 1009 19.39 -0.21 -13.28
CA LEU A 1009 20.46 -0.38 -14.25
C LEU A 1009 21.79 -0.65 -13.55
N PRO A 1010 22.72 -1.35 -14.23
CA PRO A 1010 23.97 -1.73 -13.57
C PRO A 1010 24.94 -0.57 -13.40
N ILE A 1011 25.05 0.29 -14.42
CA ILE A 1011 26.09 1.30 -14.46
C ILE A 1011 25.84 2.38 -13.41
N ARG A 1012 26.83 3.23 -13.18
CA ARG A 1012 26.73 4.35 -12.25
C ARG A 1012 27.01 5.65 -12.97
N PHE A 1013 26.39 6.71 -12.48
CA PHE A 1013 26.59 8.05 -13.02
C PHE A 1013 27.30 8.95 -12.01
N PRO A 1014 28.12 9.89 -12.47
CA PRO A 1014 28.95 10.66 -11.54
C PRO A 1014 28.13 11.65 -10.72
N ASP A 1015 28.64 11.93 -9.53
CA ASP A 1015 28.05 12.97 -8.70
C ASP A 1015 28.30 14.34 -9.32
N LEU A 1016 27.37 15.26 -9.08
CA LEU A 1016 27.43 16.59 -9.69
C LEU A 1016 28.49 17.41 -8.98
N ASP A 1017 29.71 17.38 -9.51
CA ASP A 1017 30.77 18.29 -9.07
C ASP A 1017 30.54 19.61 -9.80
N TYR A 1018 29.86 20.53 -9.12
CA TYR A 1018 29.41 21.77 -9.72
C TYR A 1018 30.47 22.87 -9.70
N SER A 1019 31.75 22.51 -9.61
CA SER A 1019 32.79 23.51 -9.77
C SER A 1019 32.64 24.24 -11.10
N GLU A 1020 32.12 23.54 -12.12
CA GLU A 1020 31.76 24.16 -13.37
C GLU A 1020 30.45 24.93 -13.19
N TYR A 1021 29.99 25.59 -14.25
CA TYR A 1021 28.77 26.40 -14.27
C TYR A 1021 28.94 27.68 -13.46
N CYS A 1022 30.08 27.86 -12.79
CA CYS A 1022 30.29 29.01 -11.91
C CYS A 1022 30.64 30.23 -12.75
N LEU A 1023 29.78 31.24 -12.72
CA LEU A 1023 29.99 32.47 -13.47
C LEU A 1023 30.08 32.17 -14.96
ZN ZN D . 11.01 12.66 -28.60
#